data_7XCI
#
_entry.id   7XCI
#
_cell.length_a   1.00
_cell.length_b   1.00
_cell.length_c   1.00
_cell.angle_alpha   90.00
_cell.angle_beta   90.00
_cell.angle_gamma   90.00
#
_symmetry.space_group_name_H-M   'P 1'
#
loop_
_entity.id
_entity.type
_entity.pdbx_description
1 polymer 'Processed angiotensin-converting enzyme 2'
2 polymer 'Spike glycoprotein'
3 branched 2-acetamido-2-deoxy-beta-D-glucopyranose-(1-4)-2-acetamido-2-deoxy-beta-D-glucopyranose
4 non-polymer 'ZINC ION'
5 non-polymer 2-acetamido-2-deoxy-beta-D-glucopyranose
#
loop_
_entity_poly.entity_id
_entity_poly.type
_entity_poly.pdbx_seq_one_letter_code
_entity_poly.pdbx_strand_id
1 'polypeptide(L)'
;STIEEQAKTFLDKFNHEAEDLFYQSSLASWNYNTNITEENVQNMNNAGDKWSAFLKEQSTLAQMYPLQEIQNLTVKLQLQ
ALQQNGSSVLSEDKSKRLNTILNTMSTIYSTGKVCNPDNPQECLLLEPGLNEIMANSLDYNERLWAWESWRSEVGKQLRP
LYEEYVVLKNEMARANHYEDYGDYWRGDYEVNGVDGYDYSRGQLIEDVEHTFEEIKPLYEHLHAYVRAKLMNAYPSYISP
IGCLPAHLLGDMWGRFWTNLYSLTVPFGQKPNIDVTDAMVDQAWDAQRIFKEAEKFFVSVGLPNMTQGFWENSMLTDPGN
VQKAVCHPTAWDLGKGDFRILMCTKVTMDDFLTAHHEMGHIQYDMAYAAQPFLLRNGANEGFHEAVGEIMSLSAATPKHL
KSIGLLSPDFQEDNETEINFLLKQALTIVGTLPFTYMLEKWRWMVFKGEIPKDQWMKKWWEMKREIVGVVEPVPHDETYC
DPASLFHVSNDYSFIRYYTRTLYQFQFQEALCQAAKHEGPLHKCDISNSTEAGQKLFNMLRLGKSEPWTLALENVVGAKN
MNVRPLLNYFEPLFTWLKDQNKNSFVGWSTDWSPYA
;
A
2 'polypeptide(L)'
;TNLCPFDEVFNATRFASVYAWNRKRISNCVADYSVLYNLAPFFTFKCYGVSPTKLNDLCFTNVYADSFVIRGDEVRQIAP
GQTGNIADYNYKLPDDFTGCVIAWNSNKLDSKVSGNYNYLYRLFRKSNLKPFERDISTEIYQAGNKPCNGVAGFNCYFPL
RSYSFRPTYGVGHQPYRVVVLSFELLHAPATVCGP
;
B
#
loop_
_chem_comp.id
_chem_comp.type
_chem_comp.name
_chem_comp.formula
NAG D-saccharide, beta linking 2-acetamido-2-deoxy-beta-D-glucopyranose 'C8 H15 N O6'
ZN non-polymer 'ZINC ION' 'Zn 2'
#
# COMPACT_ATOMS: atom_id res chain seq x y z
N SER A 1 6.56 8.53 37.15
CA SER A 1 6.34 8.73 35.73
C SER A 1 4.86 8.61 35.38
N THR A 2 4.42 9.40 34.41
CA THR A 2 3.03 9.37 33.99
C THR A 2 2.79 8.20 33.04
N ILE A 3 1.52 8.01 32.67
CA ILE A 3 1.16 6.92 31.78
C ILE A 3 1.72 7.16 30.38
N GLU A 4 1.85 8.42 29.97
CA GLU A 4 2.30 8.73 28.61
C GLU A 4 3.72 8.22 28.36
N GLU A 5 4.62 8.40 29.32
CA GLU A 5 5.98 7.89 29.15
C GLU A 5 6.01 6.37 29.07
N GLN A 6 5.20 5.70 29.90
CA GLN A 6 5.11 4.24 29.83
C GLN A 6 4.62 3.80 28.47
N ALA A 7 3.59 4.49 27.93
CA ALA A 7 3.07 4.16 26.62
C ALA A 7 4.13 4.37 25.54
N LYS A 8 4.91 5.46 25.64
CA LYS A 8 5.96 5.70 24.66
C LYS A 8 7.01 4.60 24.68
N THR A 9 7.43 4.18 25.88
CA THR A 9 8.42 3.12 25.98
C THR A 9 7.89 1.81 25.42
N PHE A 10 6.64 1.46 25.77
CA PHE A 10 6.05 0.24 25.27
C PHE A 10 5.92 0.28 23.75
N LEU A 11 5.58 1.44 23.20
CA LEU A 11 5.47 1.57 21.74
C LEU A 11 6.84 1.43 21.08
N ASP A 12 7.90 1.93 21.70
CA ASP A 12 9.24 1.72 21.13
C ASP A 12 9.58 0.23 21.08
N LYS A 13 9.32 -0.47 22.19
CA LYS A 13 9.55 -1.92 22.20
C LYS A 13 8.73 -2.63 21.12
N PHE A 14 7.45 -2.29 21.02
CA PHE A 14 6.58 -2.92 20.04
C PHE A 14 7.04 -2.62 18.63
N ASN A 15 7.48 -1.38 18.36
CA ASN A 15 7.98 -1.04 17.03
C ASN A 15 9.15 -1.94 16.66
N HIS A 16 10.13 -2.08 17.56
CA HIS A 16 11.29 -2.91 17.25
C HIS A 16 10.88 -4.36 16.95
N GLU A 17 10.14 -4.98 17.88
CA GLU A 17 9.83 -6.40 17.73
C GLU A 17 8.92 -6.64 16.54
N ALA A 18 7.90 -5.80 16.36
CA ALA A 18 6.97 -5.95 15.26
C ALA A 18 7.66 -5.75 13.92
N GLU A 19 8.59 -4.78 13.84
CA GLU A 19 9.35 -4.61 12.60
C GLU A 19 10.08 -5.89 12.23
N ASP A 20 10.80 -6.47 13.20
CA ASP A 20 11.54 -7.70 12.90
C ASP A 20 10.61 -8.82 12.45
N LEU A 21 9.55 -9.08 13.22
CA LEU A 21 8.67 -10.21 12.93
C LEU A 21 7.92 -10.02 11.60
N PHE A 22 7.47 -8.79 11.34
CA PHE A 22 6.76 -8.52 10.09
C PHE A 22 7.69 -8.69 8.89
N TYR A 23 8.95 -8.26 9.02
CA TYR A 23 9.88 -8.50 7.91
C TYR A 23 10.04 -9.99 7.65
N GLN A 24 10.20 -10.79 8.72
CA GLN A 24 10.34 -12.23 8.53
C GLN A 24 9.12 -12.83 7.84
N SER A 25 7.93 -12.46 8.30
CA SER A 25 6.71 -13.00 7.72
C SER A 25 6.56 -12.60 6.25
N SER A 26 6.83 -11.33 5.94
CA SER A 26 6.70 -10.87 4.56
C SER A 26 7.70 -11.55 3.64
N LEU A 27 8.93 -11.78 4.13
CA LEU A 27 9.91 -12.48 3.31
C LEU A 27 9.48 -13.91 3.04
N ALA A 28 8.95 -14.59 4.06
CA ALA A 28 8.46 -15.95 3.84
C ALA A 28 7.31 -15.96 2.83
N SER A 29 6.38 -15.01 2.95
CA SER A 29 5.25 -14.94 2.02
C SER A 29 5.73 -14.68 0.59
N TRP A 30 6.72 -13.80 0.42
CA TRP A 30 7.25 -13.54 -0.90
C TRP A 30 7.89 -14.79 -1.49
N ASN A 31 8.67 -15.51 -0.68
CA ASN A 31 9.28 -16.73 -1.18
C ASN A 31 8.23 -17.77 -1.59
N TYR A 32 7.12 -17.85 -0.85
CA TYR A 32 6.05 -18.72 -1.30
C TYR A 32 5.46 -18.24 -2.62
N ASN A 33 5.13 -16.95 -2.72
CA ASN A 33 4.43 -16.45 -3.90
C ASN A 33 5.28 -16.54 -5.16
N THR A 34 6.60 -16.40 -5.05
CA THR A 34 7.47 -16.51 -6.21
C THR A 34 7.94 -17.94 -6.48
N ASN A 35 7.61 -18.89 -5.59
CA ASN A 35 8.07 -20.27 -5.72
C ASN A 35 7.07 -21.15 -4.99
N ILE A 36 6.20 -21.82 -5.74
CA ILE A 36 5.08 -22.56 -5.16
C ILE A 36 5.57 -23.98 -4.85
N THR A 37 5.98 -24.20 -3.59
CA THR A 37 6.37 -25.50 -3.08
C THR A 37 5.75 -25.69 -1.70
N GLU A 38 5.58 -26.95 -1.30
CA GLU A 38 4.94 -27.25 -0.02
C GLU A 38 5.79 -26.77 1.16
N GLU A 39 7.11 -26.82 1.04
CA GLU A 39 7.97 -26.30 2.10
C GLU A 39 7.76 -24.80 2.26
N ASN A 40 7.63 -24.07 1.15
CA ASN A 40 7.30 -22.66 1.23
C ASN A 40 5.93 -22.45 1.88
N VAL A 41 4.97 -23.33 1.61
CA VAL A 41 3.66 -23.23 2.23
C VAL A 41 3.78 -23.35 3.74
N GLN A 42 4.53 -24.35 4.22
CA GLN A 42 4.64 -24.55 5.66
C GLN A 42 5.43 -23.43 6.32
N ASN A 43 6.46 -22.91 5.64
CA ASN A 43 7.19 -21.77 6.18
C ASN A 43 6.29 -20.55 6.30
N MET A 44 5.48 -20.28 5.28
CA MET A 44 4.57 -19.14 5.34
C MET A 44 3.56 -19.32 6.45
N ASN A 45 3.02 -20.53 6.61
CA ASN A 45 2.05 -20.77 7.67
C ASN A 45 2.67 -20.55 9.05
N ASN A 46 3.89 -21.06 9.25
CA ASN A 46 4.57 -20.88 10.53
C ASN A 46 4.82 -19.40 10.82
N ALA A 47 5.31 -18.67 9.82
CA ALA A 47 5.59 -17.25 10.00
C ALA A 47 4.31 -16.47 10.30
N GLY A 48 3.23 -16.77 9.58
CA GLY A 48 1.98 -16.08 9.83
C GLY A 48 1.42 -16.38 11.22
N ASP A 49 1.51 -17.64 11.66
CA ASP A 49 1.06 -17.98 13.00
C ASP A 49 1.86 -17.25 14.06
N LYS A 50 3.19 -17.19 13.88
CA LYS A 50 4.02 -16.48 14.85
C LYS A 50 3.67 -14.99 14.88
N TRP A 51 3.50 -14.37 13.71
CA TRP A 51 3.17 -12.95 13.67
C TRP A 51 1.82 -12.68 14.32
N SER A 52 0.82 -13.53 14.04
CA SER A 52 -0.50 -13.35 14.62
C SER A 52 -0.47 -13.51 16.15
N ALA A 53 0.28 -14.51 16.63
CA ALA A 53 0.40 -14.70 18.07
C ALA A 53 1.06 -13.49 18.74
N PHE A 54 2.13 -12.98 18.13
CA PHE A 54 2.78 -11.80 18.66
C PHE A 54 1.83 -10.60 18.68
N LEU A 55 1.09 -10.41 17.60
CA LEU A 55 0.18 -9.26 17.53
C LEU A 55 -0.91 -9.37 18.59
N LYS A 56 -1.47 -10.56 18.78
CA LYS A 56 -2.51 -10.74 19.79
C LYS A 56 -1.95 -10.50 21.20
N GLU A 57 -0.76 -11.04 21.48
CA GLU A 57 -0.15 -10.84 22.79
C GLU A 57 0.12 -9.37 23.07
N GLN A 58 0.64 -8.65 22.08
CA GLN A 58 0.92 -7.24 22.27
C GLN A 58 -0.35 -6.42 22.40
N SER A 59 -1.42 -6.79 21.68
CA SER A 59 -2.69 -6.10 21.85
C SER A 59 -3.24 -6.31 23.25
N THR A 60 -3.16 -7.54 23.77
CA THR A 60 -3.62 -7.80 25.12
C THR A 60 -2.80 -7.01 26.14
N LEU A 61 -1.48 -6.93 25.94
CA LEU A 61 -0.65 -6.18 26.87
C LEU A 61 -0.92 -4.68 26.79
N ALA A 62 -1.22 -4.18 25.58
CA ALA A 62 -1.48 -2.75 25.41
C ALA A 62 -2.87 -2.36 25.91
N GLN A 63 -3.77 -3.33 26.03
CA GLN A 63 -5.11 -3.06 26.53
C GLN A 63 -5.09 -2.48 27.95
N MET A 64 -4.03 -2.67 28.71
CA MET A 64 -3.95 -2.20 30.09
C MET A 64 -3.71 -0.70 30.21
N TYR A 65 -3.48 -0.01 29.09
CA TYR A 65 -3.33 1.45 29.11
C TYR A 65 -4.62 2.10 28.66
N PRO A 66 -5.39 2.75 29.55
CA PRO A 66 -6.59 3.47 29.12
C PRO A 66 -6.22 4.65 28.23
N LEU A 67 -7.08 4.94 27.26
CA LEU A 67 -6.75 5.89 26.20
C LEU A 67 -6.81 7.34 26.67
N GLN A 68 -7.63 7.64 27.67
CA GLN A 68 -8.03 9.02 27.93
C GLN A 68 -6.87 9.93 28.33
N GLU A 69 -5.86 9.42 29.03
CA GLU A 69 -4.85 10.25 29.65
C GLU A 69 -3.64 10.51 28.75
N ILE A 70 -3.67 10.06 27.50
CA ILE A 70 -2.55 10.24 26.58
C ILE A 70 -2.87 11.40 25.65
N GLN A 71 -2.03 12.43 25.70
CA GLN A 71 -2.16 13.61 24.86
C GLN A 71 -1.31 13.43 23.60
N ASN A 72 -1.03 14.47 22.82
CA ASN A 72 -0.12 14.47 21.68
C ASN A 72 -0.73 13.80 20.46
N LEU A 73 -1.88 13.13 20.63
CA LEU A 73 -2.71 12.66 19.53
C LEU A 73 -1.97 11.71 18.58
N THR A 74 -0.72 11.38 18.88
CA THR A 74 0.07 10.51 18.02
C THR A 74 0.24 9.16 18.71
N VAL A 75 0.60 9.18 19.99
CA VAL A 75 0.62 7.96 20.78
C VAL A 75 -0.78 7.38 20.91
N LYS A 76 -1.79 8.26 21.00
CA LYS A 76 -3.17 7.79 21.06
C LYS A 76 -3.57 7.05 19.80
N LEU A 77 -3.15 7.53 18.62
CA LEU A 77 -3.47 6.84 17.38
C LEU A 77 -2.85 5.44 17.35
N GLN A 78 -1.59 5.33 17.77
CA GLN A 78 -0.94 4.03 17.80
C GLN A 78 -1.60 3.09 18.80
N LEU A 79 -1.97 3.61 19.97
CA LEU A 79 -2.67 2.79 20.95
C LEU A 79 -4.02 2.32 20.42
N GLN A 80 -4.75 3.20 19.73
CA GLN A 80 -6.02 2.81 19.13
C GLN A 80 -5.82 1.73 18.08
N ALA A 81 -4.80 1.87 17.23
CA ALA A 81 -4.55 0.86 16.20
C ALA A 81 -4.09 -0.45 16.81
N LEU A 82 -3.48 -0.40 18.00
CA LEU A 82 -2.95 -1.60 18.62
C LEU A 82 -3.99 -2.36 19.42
N GLN A 83 -4.88 -1.66 20.12
CA GLN A 83 -5.82 -2.33 21.01
C GLN A 83 -6.75 -3.26 20.24
N GLN A 84 -7.63 -2.69 19.40
CA GLN A 84 -8.39 -3.41 18.39
C GLN A 84 -8.82 -4.81 18.83
N ASN A 85 -9.62 -4.91 19.89
CA ASN A 85 -9.98 -6.18 20.52
C ASN A 85 -10.55 -7.17 19.51
N GLY A 86 -11.35 -6.68 18.56
CA GLY A 86 -11.78 -7.48 17.43
C GLY A 86 -12.71 -8.64 17.77
N SER A 87 -12.62 -9.72 16.99
CA SER A 87 -13.52 -10.85 17.15
C SER A 87 -13.25 -11.63 18.43
N SER A 88 -12.12 -11.35 19.09
CA SER A 88 -11.75 -12.04 20.31
C SER A 88 -12.68 -11.68 21.47
N VAL A 89 -13.50 -10.65 21.27
CA VAL A 89 -14.43 -10.18 22.30
C VAL A 89 -15.43 -11.27 22.63
N LEU A 90 -15.99 -11.90 21.59
CA LEU A 90 -16.99 -12.93 21.78
C LEU A 90 -16.35 -14.20 22.33
N SER A 91 -17.19 -15.18 22.66
CA SER A 91 -16.72 -16.47 23.17
C SER A 91 -15.91 -17.19 22.10
N GLU A 92 -14.99 -18.07 22.52
CA GLU A 92 -14.13 -18.81 21.61
C GLU A 92 -14.96 -19.67 20.66
N ASP A 93 -16.09 -20.19 21.16
CA ASP A 93 -16.97 -20.99 20.31
C ASP A 93 -17.51 -20.17 19.15
N LYS A 94 -17.95 -18.94 19.42
CA LYS A 94 -18.44 -18.09 18.34
C LYS A 94 -17.30 -17.68 17.40
N SER A 95 -16.10 -17.47 17.94
CA SER A 95 -14.96 -17.12 17.09
C SER A 95 -14.62 -18.25 16.12
N LYS A 96 -14.56 -19.49 16.62
CA LYS A 96 -14.27 -20.60 15.73
C LYS A 96 -15.43 -20.86 14.77
N ARG A 97 -16.67 -20.60 15.22
CA ARG A 97 -17.81 -20.73 14.32
C ARG A 97 -17.70 -19.75 13.15
N LEU A 98 -17.35 -18.50 13.43
CA LEU A 98 -17.17 -17.53 12.35
C LEU A 98 -15.98 -17.88 11.46
N ASN A 99 -14.88 -18.36 12.05
CA ASN A 99 -13.75 -18.80 11.24
C ASN A 99 -14.18 -19.89 10.28
N THR A 100 -14.92 -20.88 10.78
CA THR A 100 -15.40 -21.96 9.93
C THR A 100 -16.36 -21.45 8.86
N ILE A 101 -17.26 -20.53 9.22
CA ILE A 101 -18.22 -20.02 8.26
C ILE A 101 -17.53 -19.28 7.13
N LEU A 102 -16.58 -18.39 7.47
CA LEU A 102 -15.85 -17.67 6.44
C LEU A 102 -15.00 -18.61 5.59
N ASN A 103 -14.43 -19.65 6.22
CA ASN A 103 -13.67 -20.63 5.45
C ASN A 103 -14.56 -21.35 4.45
N THR A 104 -15.77 -21.72 4.87
CA THR A 104 -16.71 -22.37 3.95
C THR A 104 -17.13 -21.40 2.84
N MET A 105 -17.35 -20.13 3.16
CA MET A 105 -17.65 -19.16 2.11
C MET A 105 -16.55 -19.11 1.06
N SER A 106 -15.30 -18.97 1.52
CA SER A 106 -14.18 -18.90 0.59
C SER A 106 -14.05 -20.18 -0.23
N THR A 107 -14.21 -21.33 0.43
CA THR A 107 -14.08 -22.61 -0.27
C THR A 107 -15.18 -22.77 -1.33
N ILE A 108 -16.42 -22.41 -0.98
CA ILE A 108 -17.52 -22.53 -1.93
C ILE A 108 -17.30 -21.60 -3.11
N TYR A 109 -16.88 -20.36 -2.86
CA TYR A 109 -16.69 -19.43 -3.96
C TYR A 109 -15.54 -19.84 -4.86
N SER A 110 -14.42 -20.28 -4.26
CA SER A 110 -13.27 -20.67 -5.05
C SER A 110 -13.50 -21.95 -5.83
N THR A 111 -14.22 -22.92 -5.24
CA THR A 111 -14.49 -24.19 -5.88
C THR A 111 -15.90 -24.30 -6.43
N GLY A 112 -16.46 -23.22 -6.95
CA GLY A 112 -17.77 -23.27 -7.54
C GLY A 112 -17.72 -23.79 -8.97
N LYS A 113 -18.32 -24.95 -9.21
CA LYS A 113 -18.32 -25.58 -10.52
C LYS A 113 -19.71 -25.47 -11.13
N VAL A 114 -19.75 -25.01 -12.38
CA VAL A 114 -20.99 -24.95 -13.15
C VAL A 114 -20.86 -25.92 -14.31
N CYS A 115 -21.77 -26.90 -14.35
CA CYS A 115 -21.72 -27.97 -15.34
C CYS A 115 -22.84 -27.79 -16.36
N ASN A 116 -22.47 -27.88 -17.63
CA ASN A 116 -23.44 -27.69 -18.70
C ASN A 116 -24.47 -28.82 -18.69
N PRO A 117 -25.70 -28.54 -19.11
CA PRO A 117 -26.74 -29.57 -19.11
C PRO A 117 -26.42 -30.69 -20.10
N ASP A 118 -26.98 -31.87 -19.84
CA ASP A 118 -26.89 -33.09 -20.62
C ASP A 118 -25.51 -33.72 -20.55
N ASN A 119 -24.56 -33.12 -19.82
CA ASN A 119 -23.22 -33.69 -19.69
C ASN A 119 -22.61 -33.18 -18.40
N PRO A 120 -22.68 -33.98 -17.32
CA PRO A 120 -22.09 -33.56 -16.06
C PRO A 120 -20.59 -33.80 -16.00
N GLN A 121 -19.89 -33.47 -17.09
CA GLN A 121 -18.45 -33.59 -17.16
C GLN A 121 -17.74 -32.34 -17.68
N GLU A 122 -18.39 -31.53 -18.52
CA GLU A 122 -17.81 -30.30 -19.04
C GLU A 122 -18.16 -29.17 -18.08
N CYS A 123 -17.62 -29.28 -16.87
CA CYS A 123 -17.84 -28.29 -15.82
C CYS A 123 -16.75 -27.22 -15.89
N LEU A 124 -17.11 -26.01 -15.47
CA LEU A 124 -16.22 -24.85 -15.57
C LEU A 124 -16.22 -24.07 -14.27
N LEU A 125 -15.14 -23.35 -14.03
CA LEU A 125 -15.00 -22.46 -12.88
C LEU A 125 -15.20 -21.01 -13.31
N LEU A 126 -14.97 -20.09 -12.37
CA LEU A 126 -15.00 -18.67 -12.70
C LEU A 126 -13.92 -18.31 -13.71
N GLU A 127 -12.71 -18.82 -13.50
CA GLU A 127 -11.56 -18.47 -14.31
C GLU A 127 -10.85 -19.73 -14.79
N PRO A 128 -10.55 -19.85 -16.09
CA PRO A 128 -10.92 -18.89 -17.13
C PRO A 128 -12.21 -19.28 -17.86
N GLY A 129 -12.93 -20.26 -17.33
CA GLY A 129 -14.08 -20.80 -18.01
C GLY A 129 -15.23 -19.84 -18.23
N LEU A 130 -15.90 -19.44 -17.15
CA LEU A 130 -17.10 -18.61 -17.29
C LEU A 130 -16.75 -17.14 -17.50
N ASN A 131 -15.56 -16.70 -17.07
CA ASN A 131 -15.15 -15.32 -17.35
C ASN A 131 -15.05 -15.06 -18.83
N GLU A 132 -14.44 -15.99 -19.59
CA GLU A 132 -14.36 -15.83 -21.04
C GLU A 132 -15.74 -15.83 -21.66
N ILE A 133 -16.64 -16.69 -21.18
CA ILE A 133 -17.99 -16.76 -21.73
C ILE A 133 -18.73 -15.45 -21.50
N MET A 134 -18.63 -14.89 -20.30
CA MET A 134 -19.36 -13.67 -19.99
C MET A 134 -18.67 -12.41 -20.52
N ALA A 135 -17.40 -12.50 -20.93
CA ALA A 135 -16.70 -11.34 -21.45
C ALA A 135 -16.54 -11.32 -22.96
N ASN A 136 -16.74 -12.46 -23.63
CA ASN A 136 -16.50 -12.51 -25.08
C ASN A 136 -17.72 -12.98 -25.85
N SER A 137 -18.45 -13.96 -25.30
CA SER A 137 -19.60 -14.51 -25.99
C SER A 137 -20.75 -13.51 -26.00
N LEU A 138 -21.33 -13.29 -27.17
CA LEU A 138 -22.45 -12.37 -27.33
C LEU A 138 -23.80 -13.07 -27.42
N ASP A 139 -23.84 -14.38 -27.21
CA ASP A 139 -25.09 -15.13 -27.35
C ASP A 139 -26.01 -14.85 -26.15
N TYR A 140 -27.26 -14.52 -26.45
CA TYR A 140 -28.23 -14.24 -25.39
C TYR A 140 -28.47 -15.47 -24.53
N ASN A 141 -28.70 -16.62 -25.16
CA ASN A 141 -29.08 -17.83 -24.44
C ASN A 141 -27.96 -18.30 -23.52
N GLU A 142 -26.71 -18.30 -24.01
CA GLU A 142 -25.60 -18.78 -23.20
C GLU A 142 -25.37 -17.89 -21.99
N ARG A 143 -25.41 -16.56 -22.18
CA ARG A 143 -25.23 -15.64 -21.06
C ARG A 143 -26.36 -15.80 -20.05
N LEU A 144 -27.60 -15.92 -20.52
CA LEU A 144 -28.72 -16.09 -19.59
C LEU A 144 -28.58 -17.40 -18.82
N TRP A 145 -28.19 -18.47 -19.49
CA TRP A 145 -28.03 -19.75 -18.83
C TRP A 145 -26.94 -19.69 -17.77
N ALA A 146 -25.80 -19.07 -18.09
CA ALA A 146 -24.72 -18.94 -17.12
C ALA A 146 -25.16 -18.10 -15.92
N TRP A 147 -25.85 -16.99 -16.18
CA TRP A 147 -26.35 -16.13 -15.12
C TRP A 147 -27.25 -16.91 -14.17
N GLU A 148 -28.26 -17.59 -14.73
CA GLU A 148 -29.19 -18.36 -13.91
C GLU A 148 -28.49 -19.50 -13.16
N SER A 149 -27.58 -20.21 -13.83
CA SER A 149 -26.91 -21.33 -13.20
C SER A 149 -26.05 -20.87 -12.03
N TRP A 150 -25.31 -19.78 -12.20
CA TRP A 150 -24.50 -19.29 -11.08
C TRP A 150 -25.37 -18.77 -9.95
N ARG A 151 -26.41 -18.02 -10.26
CA ARG A 151 -27.25 -17.51 -9.17
C ARG A 151 -28.07 -18.60 -8.49
N SER A 152 -28.24 -19.76 -9.13
CA SER A 152 -28.99 -20.84 -8.52
C SER A 152 -28.13 -21.83 -7.77
N GLU A 153 -26.93 -22.15 -8.27
CA GLU A 153 -26.10 -23.20 -7.68
C GLU A 153 -25.21 -22.72 -6.54
N VAL A 154 -24.82 -21.45 -6.53
CA VAL A 154 -23.85 -20.95 -5.56
C VAL A 154 -24.53 -20.20 -4.41
N GLY A 155 -25.46 -19.30 -4.72
CA GLY A 155 -26.04 -18.47 -3.68
C GLY A 155 -26.88 -19.25 -2.68
N LYS A 156 -27.61 -20.26 -3.15
CA LYS A 156 -28.50 -21.00 -2.28
C LYS A 156 -27.75 -21.69 -1.15
N GLN A 157 -26.56 -22.24 -1.44
CA GLN A 157 -25.75 -22.83 -0.38
C GLN A 157 -25.25 -21.78 0.60
N LEU A 158 -24.98 -20.57 0.11
CA LEU A 158 -24.41 -19.52 0.95
C LEU A 158 -25.46 -18.75 1.75
N ARG A 159 -26.74 -18.91 1.44
CA ARG A 159 -27.78 -18.09 2.09
C ARG A 159 -27.83 -18.26 3.60
N PRO A 160 -27.96 -19.48 4.16
CA PRO A 160 -27.95 -19.58 5.63
C PRO A 160 -26.62 -19.21 6.25
N LEU A 161 -25.51 -19.53 5.56
CA LEU A 161 -24.21 -19.08 6.03
C LEU A 161 -24.13 -17.57 6.06
N TYR A 162 -24.68 -16.90 5.04
CA TYR A 162 -24.71 -15.44 5.03
C TYR A 162 -25.56 -14.89 6.16
N GLU A 163 -26.70 -15.53 6.45
CA GLU A 163 -27.55 -15.05 7.54
C GLU A 163 -26.84 -15.16 8.88
N GLU A 164 -26.21 -16.30 9.14
CA GLU A 164 -25.45 -16.45 10.38
C GLU A 164 -24.27 -15.49 10.45
N TYR A 165 -23.58 -15.29 9.32
CA TYR A 165 -22.50 -14.31 9.25
C TYR A 165 -22.99 -12.92 9.62
N VAL A 166 -24.12 -12.50 9.06
CA VAL A 166 -24.65 -11.18 9.36
C VAL A 166 -25.00 -11.06 10.84
N VAL A 167 -25.68 -12.07 11.39
CA VAL A 167 -26.10 -12.01 12.78
C VAL A 167 -24.90 -11.90 13.71
N LEU A 168 -23.89 -12.76 13.50
CA LEU A 168 -22.76 -12.76 14.42
C LEU A 168 -21.86 -11.55 14.22
N LYS A 169 -21.78 -11.01 12.99
CA LYS A 169 -21.05 -9.76 12.80
C LYS A 169 -21.75 -8.60 13.48
N ASN A 170 -23.08 -8.59 13.46
CA ASN A 170 -23.82 -7.60 14.23
C ASN A 170 -23.55 -7.75 15.72
N GLU A 171 -23.45 -9.01 16.19
CA GLU A 171 -23.10 -9.24 17.59
C GLU A 171 -21.74 -8.66 17.94
N MET A 172 -20.74 -8.89 17.07
CA MET A 172 -19.41 -8.33 17.31
C MET A 172 -19.45 -6.81 17.31
N ALA A 173 -20.16 -6.22 16.35
CA ALA A 173 -20.24 -4.76 16.26
C ALA A 173 -20.88 -4.16 17.51
N ARG A 174 -21.95 -4.79 18.00
CA ARG A 174 -22.57 -4.31 19.23
C ARG A 174 -21.65 -4.52 20.43
N ALA A 175 -20.84 -5.57 20.39
CA ALA A 175 -19.90 -5.83 21.48
C ALA A 175 -18.70 -4.90 21.44
N ASN A 176 -18.44 -4.25 20.31
CA ASN A 176 -17.33 -3.32 20.17
C ASN A 176 -17.76 -1.86 20.21
N HIS A 177 -18.87 -1.56 20.89
CA HIS A 177 -19.39 -0.20 21.04
C HIS A 177 -19.69 0.45 19.69
N TYR A 178 -20.35 -0.27 18.79
CA TYR A 178 -20.81 0.26 17.52
C TYR A 178 -22.29 -0.01 17.33
N GLU A 179 -22.92 0.80 16.48
CA GLU A 179 -24.34 0.61 16.20
C GLU A 179 -24.57 -0.69 15.42
N ASP A 180 -23.80 -0.91 14.36
CA ASP A 180 -23.93 -2.11 13.56
C ASP A 180 -22.60 -2.35 12.84
N TYR A 181 -22.53 -3.46 12.10
CA TYR A 181 -21.31 -3.77 11.36
C TYR A 181 -21.02 -2.72 10.29
N GLY A 182 -22.06 -2.12 9.71
CA GLY A 182 -21.85 -1.01 8.80
C GLY A 182 -21.16 0.16 9.47
N ASP A 183 -21.52 0.45 10.73
CA ASP A 183 -20.84 1.50 11.47
C ASP A 183 -19.38 1.14 11.72
N TYR A 184 -19.10 -0.13 12.01
CA TYR A 184 -17.72 -0.57 12.17
C TYR A 184 -16.93 -0.36 10.88
N TRP A 185 -17.54 -0.69 9.73
CA TRP A 185 -16.88 -0.46 8.45
C TRP A 185 -16.65 1.02 8.19
N ARG A 186 -17.64 1.86 8.49
CA ARG A 186 -17.52 3.29 8.27
C ARG A 186 -16.57 3.97 9.25
N GLY A 187 -16.24 3.32 10.36
CA GLY A 187 -15.33 3.91 11.34
C GLY A 187 -13.93 4.17 10.83
N ASP A 188 -13.58 3.66 9.65
CA ASP A 188 -12.25 3.93 9.09
C ASP A 188 -12.05 5.42 8.84
N TYR A 189 -13.05 6.09 8.28
CA TYR A 189 -12.95 7.51 7.93
C TYR A 189 -13.12 8.43 9.13
N GLU A 190 -13.46 7.90 10.31
CA GLU A 190 -13.70 8.73 11.47
C GLU A 190 -12.44 9.44 11.93
N VAL A 191 -12.58 10.72 12.28
CA VAL A 191 -11.49 11.54 12.81
C VAL A 191 -12.00 12.22 14.07
N ASN A 192 -11.21 12.14 15.14
CA ASN A 192 -11.60 12.72 16.43
C ASN A 192 -10.41 13.43 17.05
N GLY A 193 -10.70 14.44 17.85
CA GLY A 193 -9.69 15.12 18.63
C GLY A 193 -8.94 16.23 17.96
N VAL A 194 -9.29 16.58 16.71
CA VAL A 194 -8.62 17.65 15.98
C VAL A 194 -9.69 18.67 15.61
N ASP A 195 -9.47 19.93 15.99
CA ASP A 195 -10.42 20.98 15.67
C ASP A 195 -10.39 21.31 14.18
N GLY A 196 -11.57 21.56 13.61
CA GLY A 196 -11.69 21.91 12.21
C GLY A 196 -11.51 20.76 11.24
N TYR A 197 -11.25 19.54 11.75
CA TYR A 197 -11.05 18.39 10.88
C TYR A 197 -11.83 17.17 11.34
N ASP A 198 -12.72 17.31 12.32
CA ASP A 198 -13.47 16.17 12.82
C ASP A 198 -14.38 15.60 11.74
N TYR A 199 -14.47 14.27 11.70
CA TYR A 199 -15.32 13.57 10.76
C TYR A 199 -16.13 12.54 11.53
N SER A 200 -17.42 12.43 11.21
CA SER A 200 -18.32 11.52 11.89
C SER A 200 -18.65 10.33 10.98
N ARG A 201 -18.99 9.22 11.62
CA ARG A 201 -19.30 8.00 10.87
C ARG A 201 -20.59 8.17 10.07
N GLY A 202 -21.49 9.03 10.53
CA GLY A 202 -22.72 9.28 9.80
C GLY A 202 -22.57 10.26 8.66
N GLN A 203 -21.47 11.00 8.62
CA GLN A 203 -21.27 11.98 7.56
C GLN A 203 -20.94 11.31 6.23
N LEU A 204 -20.38 10.10 6.28
CA LEU A 204 -19.97 9.42 5.05
C LEU A 204 -21.19 9.10 4.17
N ILE A 205 -22.28 8.63 4.78
CA ILE A 205 -23.48 8.32 4.01
C ILE A 205 -24.02 9.57 3.33
N GLU A 206 -24.09 10.67 4.07
CA GLU A 206 -24.58 11.93 3.51
C GLU A 206 -23.69 12.39 2.35
N ASP A 207 -22.37 12.31 2.52
CA ASP A 207 -21.47 12.73 1.45
C ASP A 207 -21.63 11.84 0.22
N VAL A 208 -21.73 10.53 0.42
CA VAL A 208 -21.85 9.60 -0.70
C VAL A 208 -23.14 9.85 -1.47
N GLU A 209 -24.26 9.97 -0.76
CA GLU A 209 -25.53 10.21 -1.46
C GLU A 209 -25.54 11.57 -2.14
N HIS A 210 -24.95 12.59 -1.50
CA HIS A 210 -24.89 13.92 -2.11
CA HIS A 210 -24.89 13.92 -2.11
C HIS A 210 -24.09 13.90 -3.40
N THR A 211 -22.94 13.20 -3.40
CA THR A 211 -22.14 13.11 -4.61
C THR A 211 -22.85 12.31 -5.70
N PHE A 212 -23.51 11.21 -5.32
CA PHE A 212 -24.20 10.41 -6.32
C PHE A 212 -25.37 11.16 -6.94
N GLU A 213 -26.04 12.02 -6.16
CA GLU A 213 -27.13 12.82 -6.71
C GLU A 213 -26.64 13.72 -7.85
N GLU A 214 -25.45 14.30 -7.69
CA GLU A 214 -24.86 15.10 -8.75
C GLU A 214 -24.32 14.26 -9.90
N ILE A 215 -23.80 13.07 -9.61
CA ILE A 215 -23.32 12.19 -10.68
C ILE A 215 -24.46 11.68 -11.56
N LYS A 216 -25.66 11.55 -11.00
CA LYS A 216 -26.76 10.85 -11.66
C LYS A 216 -27.03 11.25 -13.11
N PRO A 217 -27.11 12.55 -13.49
CA PRO A 217 -27.47 12.87 -14.88
C PRO A 217 -26.52 12.30 -15.92
N LEU A 218 -25.21 12.36 -15.68
CA LEU A 218 -24.25 11.83 -16.65
C LEU A 218 -24.41 10.33 -16.82
N TYR A 219 -24.57 9.60 -15.71
CA TYR A 219 -24.78 8.16 -15.80
C TYR A 219 -26.10 7.85 -16.50
N GLU A 220 -27.12 8.68 -16.30
CA GLU A 220 -28.41 8.44 -16.94
C GLU A 220 -28.31 8.62 -18.45
N HIS A 221 -27.56 9.64 -18.87
CA HIS A 221 -27.33 9.89 -20.32
C HIS A 221 -26.52 8.74 -20.92
N LEU A 222 -25.52 8.26 -20.20
CA LEU A 222 -24.73 7.12 -20.65
C LEU A 222 -25.58 5.86 -20.74
N HIS A 223 -26.48 5.67 -19.77
CA HIS A 223 -27.37 4.51 -19.78
C HIS A 223 -28.31 4.56 -20.98
N ALA A 224 -28.83 5.75 -21.31
CA ALA A 224 -29.68 5.88 -22.49
C ALA A 224 -28.91 5.53 -23.76
N TYR A 225 -27.67 6.03 -23.88
CA TYR A 225 -26.86 5.71 -25.06
C TYR A 225 -26.58 4.22 -25.17
N VAL A 226 -26.22 3.58 -24.05
CA VAL A 226 -25.93 2.15 -24.06
C VAL A 226 -27.20 1.37 -24.38
N ARG A 227 -28.35 1.83 -23.90
CA ARG A 227 -29.61 1.17 -24.22
C ARG A 227 -29.91 1.26 -25.71
N ALA A 228 -29.67 2.43 -26.32
CA ALA A 228 -29.87 2.55 -27.75
C ALA A 228 -28.95 1.63 -28.54
N LYS A 229 -27.68 1.56 -28.13
CA LYS A 229 -26.75 0.67 -28.82
C LYS A 229 -27.12 -0.80 -28.65
N LEU A 230 -27.54 -1.20 -27.45
CA LEU A 230 -28.00 -2.58 -27.24
C LEU A 230 -29.25 -2.88 -28.04
N MET A 231 -30.13 -1.89 -28.20
CA MET A 231 -31.28 -2.05 -29.08
C MET A 231 -30.83 -2.29 -30.52
N ASN A 232 -29.84 -1.53 -30.99
CA ASN A 232 -29.28 -1.76 -32.31
C ASN A 232 -28.65 -3.15 -32.39
N ALA A 233 -28.19 -3.68 -31.25
CA ALA A 233 -27.61 -5.02 -31.24
C ALA A 233 -28.63 -6.10 -30.95
N TYR A 234 -29.55 -5.85 -30.02
CA TYR A 234 -30.58 -6.83 -29.62
C TYR A 234 -31.95 -6.18 -29.73
N PRO A 235 -32.50 -6.09 -30.93
CA PRO A 235 -33.78 -5.38 -31.11
C PRO A 235 -34.96 -6.03 -30.39
N SER A 236 -34.87 -7.31 -30.03
CA SER A 236 -36.02 -8.06 -29.55
C SER A 236 -36.00 -8.32 -28.04
N TYR A 237 -35.15 -7.66 -27.27
CA TYR A 237 -35.02 -7.97 -25.85
C TYR A 237 -35.01 -6.76 -24.93
N ILE A 238 -35.09 -5.54 -25.45
CA ILE A 238 -35.08 -4.34 -24.62
C ILE A 238 -36.27 -3.47 -24.97
N SER A 239 -37.00 -3.03 -23.94
CA SER A 239 -38.14 -2.13 -24.03
C SER A 239 -37.69 -0.68 -24.26
N PRO A 240 -38.49 0.13 -24.95
CA PRO A 240 -38.12 1.54 -25.14
C PRO A 240 -38.02 2.33 -23.84
N ILE A 241 -38.71 1.92 -22.78
CA ILE A 241 -38.60 2.59 -21.49
C ILE A 241 -38.16 1.65 -20.37
N GLY A 242 -38.02 0.36 -20.63
CA GLY A 242 -37.59 -0.58 -19.63
C GLY A 242 -36.11 -0.51 -19.34
N CYS A 243 -35.72 -1.20 -18.27
CA CYS A 243 -34.32 -1.24 -17.87
C CYS A 243 -33.54 -2.26 -18.69
N LEU A 244 -32.22 -2.15 -18.61
CA LEU A 244 -31.33 -3.06 -19.32
C LEU A 244 -31.35 -4.43 -18.66
N PRO A 245 -31.22 -5.51 -19.41
CA PRO A 245 -31.15 -6.84 -18.80
C PRO A 245 -29.85 -7.05 -18.04
N ALA A 246 -29.92 -7.91 -17.01
CA ALA A 246 -28.76 -8.13 -16.16
C ALA A 246 -27.61 -8.78 -16.91
N HIS A 247 -27.89 -9.76 -17.77
CA HIS A 247 -26.85 -10.53 -18.43
C HIS A 247 -26.42 -9.92 -19.77
N LEU A 248 -26.75 -8.66 -20.02
CA LEU A 248 -26.25 -7.93 -21.18
C LEU A 248 -25.44 -6.72 -20.75
N LEU A 249 -24.70 -6.86 -19.64
CA LEU A 249 -23.92 -5.77 -19.08
C LEU A 249 -22.41 -5.97 -19.26
N GLY A 250 -22.00 -6.97 -20.02
CA GLY A 250 -20.62 -7.17 -20.38
C GLY A 250 -19.85 -8.14 -19.52
N ASP A 251 -20.34 -8.45 -18.32
CA ASP A 251 -19.67 -9.38 -17.44
C ASP A 251 -20.72 -10.10 -16.59
N MET A 252 -20.25 -10.82 -15.58
CA MET A 252 -21.14 -11.70 -14.82
C MET A 252 -22.17 -10.89 -14.03
N TRP A 253 -21.73 -9.86 -13.31
CA TRP A 253 -22.60 -9.14 -12.38
C TRP A 253 -22.99 -7.74 -12.83
N GLY A 254 -22.44 -7.25 -13.93
CA GLY A 254 -22.72 -5.88 -14.35
C GLY A 254 -21.90 -4.82 -13.66
N ARG A 255 -20.81 -5.21 -13.00
CA ARG A 255 -19.99 -4.24 -12.28
C ARG A 255 -19.27 -3.30 -13.23
N PHE A 256 -18.81 -3.81 -14.37
CA PHE A 256 -18.10 -3.01 -15.36
C PHE A 256 -18.77 -3.17 -16.72
N TRP A 257 -18.73 -2.09 -17.52
CA TRP A 257 -19.38 -2.06 -18.82
C TRP A 257 -18.38 -1.95 -19.98
N THR A 258 -17.10 -2.26 -19.73
CA THR A 258 -16.10 -2.07 -20.77
C THR A 258 -16.29 -3.05 -21.93
N ASN A 259 -16.82 -4.24 -21.65
CA ASN A 259 -16.96 -5.28 -22.66
C ASN A 259 -17.94 -4.92 -23.77
N LEU A 260 -18.74 -3.88 -23.59
CA LEU A 260 -19.64 -3.41 -24.63
C LEU A 260 -18.99 -2.43 -25.59
N TYR A 261 -17.72 -2.08 -25.37
CA TYR A 261 -17.08 -1.06 -26.21
C TYR A 261 -17.08 -1.49 -27.68
N SER A 262 -16.66 -2.72 -27.95
CA SER A 262 -16.66 -3.21 -29.34
C SER A 262 -18.07 -3.20 -29.91
N LEU A 263 -19.08 -3.29 -29.06
CA LEU A 263 -20.47 -3.16 -29.47
C LEU A 263 -20.96 -1.73 -29.52
N THR A 264 -20.40 -0.83 -28.70
CA THR A 264 -20.91 0.52 -28.56
C THR A 264 -19.94 1.59 -29.05
N VAL A 265 -18.99 1.24 -29.90
CA VAL A 265 -18.06 2.25 -30.42
C VAL A 265 -18.82 3.19 -31.36
N PRO A 266 -18.72 4.51 -31.18
CA PRO A 266 -19.45 5.41 -32.09
C PRO A 266 -18.80 5.54 -33.45
N PHE A 267 -17.46 5.56 -33.50
CA PHE A 267 -16.70 5.73 -34.73
C PHE A 267 -15.67 4.61 -34.80
N GLY A 268 -16.08 3.48 -35.39
CA GLY A 268 -15.22 2.33 -35.52
C GLY A 268 -14.17 2.41 -36.59
N GLN A 269 -14.24 3.43 -37.45
CA GLN A 269 -13.26 3.60 -38.52
C GLN A 269 -11.95 4.23 -38.05
N LYS A 270 -11.91 4.76 -36.83
CA LYS A 270 -10.69 5.33 -36.28
C LYS A 270 -10.11 4.40 -35.23
N PRO A 271 -9.02 3.71 -35.51
CA PRO A 271 -8.43 2.82 -34.50
C PRO A 271 -7.93 3.60 -33.29
N ASN A 272 -7.96 2.93 -32.15
CA ASN A 272 -7.47 3.52 -30.92
C ASN A 272 -5.95 3.54 -30.91
N ILE A 273 -5.39 4.19 -29.88
CA ILE A 273 -3.95 4.32 -29.73
C ILE A 273 -3.44 3.01 -29.12
N ASP A 274 -2.73 2.22 -29.92
CA ASP A 274 -2.12 0.98 -29.47
C ASP A 274 -0.67 0.96 -29.94
N VAL A 275 0.27 1.01 -28.99
CA VAL A 275 1.68 1.13 -29.30
C VAL A 275 2.43 -0.17 -29.04
N THR A 276 1.72 -1.30 -28.91
CA THR A 276 2.40 -2.57 -28.66
C THR A 276 3.30 -2.95 -29.84
N ASP A 277 2.82 -2.74 -31.07
CA ASP A 277 3.64 -3.03 -32.25
C ASP A 277 4.87 -2.14 -32.29
N ALA A 278 4.74 -0.90 -31.80
CA ALA A 278 5.90 -0.01 -31.73
C ALA A 278 6.96 -0.57 -30.78
N MET A 279 6.55 -1.07 -29.62
CA MET A 279 7.52 -1.68 -28.71
C MET A 279 8.10 -2.96 -29.28
N VAL A 280 7.31 -3.68 -30.08
CA VAL A 280 7.83 -4.86 -30.77
C VAL A 280 8.92 -4.46 -31.76
N ASP A 281 8.71 -3.38 -32.51
CA ASP A 281 9.67 -2.98 -33.52
C ASP A 281 11.02 -2.60 -32.90
N GLN A 282 11.01 -1.88 -31.78
CA GLN A 282 12.22 -1.52 -31.08
C GLN A 282 12.70 -2.61 -30.13
N ALA A 283 12.05 -3.78 -30.15
CA ALA A 283 12.44 -4.93 -29.32
C ALA A 283 12.47 -4.56 -27.84
N TRP A 284 11.45 -3.84 -27.39
CA TRP A 284 11.34 -3.48 -25.98
C TRP A 284 11.09 -4.72 -25.13
N ASP A 285 11.80 -4.79 -24.01
CA ASP A 285 11.64 -5.86 -23.03
C ASP A 285 11.17 -5.27 -21.71
N ALA A 286 10.99 -6.15 -20.71
CA ALA A 286 10.41 -5.71 -19.44
C ALA A 286 11.30 -4.69 -18.73
N GLN A 287 12.61 -4.94 -18.70
CA GLN A 287 13.51 -4.05 -17.98
C GLN A 287 13.54 -2.67 -18.63
N ARG A 288 13.43 -2.61 -19.96
CA ARG A 288 13.33 -1.31 -20.62
C ARG A 288 12.06 -0.56 -20.20
N ILE A 289 10.95 -1.29 -20.08
CA ILE A 289 9.70 -0.67 -19.66
C ILE A 289 9.84 -0.10 -18.26
N PHE A 290 10.45 -0.87 -17.35
CA PHE A 290 10.60 -0.38 -15.98
C PHE A 290 11.60 0.77 -15.91
N LYS A 291 12.64 0.78 -16.76
CA LYS A 291 13.53 1.92 -16.82
C LYS A 291 12.80 3.16 -17.29
N GLU A 292 11.92 3.02 -18.28
CA GLU A 292 11.11 4.15 -18.74
C GLU A 292 10.21 4.67 -17.63
N ALA A 293 9.59 3.75 -16.88
CA ALA A 293 8.74 4.16 -15.76
C ALA A 293 9.55 4.90 -14.70
N GLU A 294 10.74 4.41 -14.38
CA GLU A 294 11.60 5.09 -13.41
C GLU A 294 12.00 6.47 -13.91
N LYS A 295 12.29 6.59 -15.20
CA LYS A 295 12.62 7.90 -15.77
C LYS A 295 11.44 8.86 -15.65
N PHE A 296 10.23 8.38 -15.93
CA PHE A 296 9.05 9.22 -15.77
C PHE A 296 8.89 9.69 -14.33
N PHE A 297 9.10 8.78 -13.38
CA PHE A 297 8.94 9.16 -11.98
C PHE A 297 10.05 10.08 -11.49
N VAL A 298 11.25 9.95 -12.06
CA VAL A 298 12.35 10.86 -11.70
C VAL A 298 12.10 12.25 -12.27
N SER A 299 11.50 12.31 -13.47
CA SER A 299 11.28 13.60 -14.12
C SER A 299 10.41 14.54 -13.29
N VAL A 300 9.59 14.01 -12.38
CA VAL A 300 8.75 14.85 -11.53
C VAL A 300 9.42 15.14 -10.19
N GLY A 301 10.67 14.74 -10.01
CA GLY A 301 11.41 15.03 -8.80
C GLY A 301 11.44 13.93 -7.78
N LEU A 302 10.71 12.84 -8.00
CA LEU A 302 10.75 11.72 -7.07
C LEU A 302 12.09 11.00 -7.16
N PRO A 303 12.55 10.38 -6.06
CA PRO A 303 13.91 9.84 -6.02
C PRO A 303 14.12 8.60 -6.90
N ASN A 304 15.31 8.04 -6.82
CA ASN A 304 15.69 6.85 -7.57
C ASN A 304 14.99 5.62 -6.99
N MET A 305 15.33 4.47 -7.56
CA MET A 305 14.95 3.19 -6.94
C MET A 305 16.17 2.49 -6.37
N THR A 306 15.96 1.78 -5.27
CA THR A 306 17.05 1.08 -4.60
C THR A 306 17.60 -0.04 -5.47
N GLN A 307 18.89 -0.32 -5.29
CA GLN A 307 19.53 -1.39 -6.06
C GLN A 307 18.91 -2.74 -5.72
N GLY A 308 18.44 -2.90 -4.48
CA GLY A 308 17.76 -4.13 -4.11
C GLY A 308 16.48 -4.35 -4.90
N PHE A 309 15.85 -3.29 -5.37
CA PHE A 309 14.66 -3.43 -6.21
C PHE A 309 15.00 -4.13 -7.52
N TRP A 310 16.14 -3.76 -8.13
CA TRP A 310 16.55 -4.41 -9.36
C TRP A 310 17.10 -5.81 -9.10
N GLU A 311 17.81 -5.99 -7.99
CA GLU A 311 18.43 -7.29 -7.72
C GLU A 311 17.40 -8.35 -7.34
N ASN A 312 16.41 -7.99 -6.52
CA ASN A 312 15.55 -8.97 -5.88
C ASN A 312 14.21 -9.18 -6.56
N SER A 313 13.58 -8.13 -7.07
CA SER A 313 12.26 -8.26 -7.66
C SER A 313 12.31 -9.10 -8.93
N MET A 314 11.25 -9.87 -9.16
CA MET A 314 11.13 -10.74 -10.32
C MET A 314 10.22 -10.05 -11.33
N LEU A 315 10.82 -9.51 -12.40
CA LEU A 315 10.09 -8.72 -13.38
C LEU A 315 9.61 -9.53 -14.58
N THR A 316 10.00 -10.79 -14.69
CA THR A 316 9.61 -11.63 -15.82
C THR A 316 9.15 -12.99 -15.31
N ASP A 317 8.28 -13.61 -16.09
CA ASP A 317 7.80 -14.95 -15.77
C ASP A 317 8.94 -15.96 -15.88
N PRO A 318 9.10 -16.88 -14.92
CA PRO A 318 10.19 -17.84 -15.02
C PRO A 318 9.87 -19.05 -15.88
N GLY A 319 8.60 -19.30 -16.17
CA GLY A 319 8.20 -20.42 -17.00
C GLY A 319 8.61 -21.77 -16.44
N ASN A 320 9.32 -22.55 -17.25
CA ASN A 320 9.80 -23.91 -16.96
C ASN A 320 9.17 -24.60 -15.76
N VAL A 321 9.98 -24.97 -14.77
CA VAL A 321 9.48 -25.68 -13.60
C VAL A 321 8.97 -24.73 -12.53
N GLN A 322 9.64 -23.58 -12.36
CA GLN A 322 9.26 -22.63 -11.32
C GLN A 322 7.87 -22.05 -11.62
N LYS A 323 6.91 -22.34 -10.76
CA LYS A 323 5.56 -21.82 -10.88
C LYS A 323 5.32 -20.73 -9.84
N ALA A 324 4.61 -19.69 -10.26
CA ALA A 324 4.31 -18.57 -9.39
C ALA A 324 3.01 -17.93 -9.84
N VAL A 325 2.40 -17.17 -8.93
CA VAL A 325 1.15 -16.46 -9.21
C VAL A 325 1.51 -15.19 -9.97
N CYS A 326 0.94 -15.03 -11.17
CA CYS A 326 1.27 -13.91 -12.04
C CYS A 326 0.43 -12.67 -11.77
N HIS A 327 -0.19 -12.58 -10.60
CA HIS A 327 -0.96 -11.38 -10.26
C HIS A 327 0.01 -10.24 -9.94
N PRO A 328 -0.06 -9.12 -10.65
CA PRO A 328 0.90 -8.03 -10.41
C PRO A 328 0.66 -7.38 -9.06
N THR A 329 1.69 -7.39 -8.21
CA THR A 329 1.62 -6.80 -6.88
C THR A 329 2.90 -6.06 -6.58
N ALA A 330 2.82 -5.15 -5.62
CA ALA A 330 3.98 -4.45 -5.08
C ALA A 330 4.16 -4.84 -3.62
N TRP A 331 5.37 -5.25 -3.25
CA TRP A 331 5.66 -5.75 -1.92
C TRP A 331 6.58 -4.78 -1.20
N ASP A 332 6.18 -4.42 0.02
CA ASP A 332 7.01 -3.61 0.92
C ASP A 332 7.35 -4.50 2.12
N LEU A 333 8.46 -5.21 2.02
CA LEU A 333 8.84 -6.16 3.06
C LEU A 333 9.32 -5.49 4.34
N GLY A 334 9.56 -4.19 4.31
CA GLY A 334 10.08 -3.48 5.45
C GLY A 334 11.60 -3.47 5.48
N LYS A 335 12.14 -2.56 6.30
CA LYS A 335 13.58 -2.39 6.44
C LYS A 335 14.25 -2.09 5.10
N GLY A 336 13.62 -1.23 4.31
CA GLY A 336 14.18 -0.80 3.05
C GLY A 336 14.11 -1.82 1.92
N ASP A 337 13.20 -2.78 2.00
CA ASP A 337 13.09 -3.83 0.99
C ASP A 337 11.78 -3.62 0.21
N PHE A 338 11.90 -3.22 -1.04
CA PHE A 338 10.77 -3.00 -1.93
C PHE A 338 10.94 -3.86 -3.17
N ARG A 339 9.88 -4.57 -3.56
CA ARG A 339 9.92 -5.48 -4.69
C ARG A 339 8.63 -5.38 -5.48
N ILE A 340 8.66 -5.86 -6.72
CA ILE A 340 7.49 -5.89 -7.59
C ILE A 340 7.39 -7.28 -8.19
N LEU A 341 6.22 -7.92 -8.02
CA LEU A 341 5.96 -9.23 -8.58
C LEU A 341 5.03 -9.06 -9.78
N MET A 342 5.56 -9.30 -10.97
CA MET A 342 4.80 -9.06 -12.19
C MET A 342 5.29 -9.90 -13.36
N CYS A 343 4.37 -10.62 -14.01
CA CYS A 343 4.69 -11.40 -15.21
C CYS A 343 4.51 -10.48 -16.42
N THR A 344 5.55 -9.71 -16.71
CA THR A 344 5.46 -8.66 -17.71
C THR A 344 5.48 -9.24 -19.12
N LYS A 345 4.55 -8.78 -19.95
CA LYS A 345 4.54 -9.05 -21.38
C LYS A 345 4.73 -7.75 -22.15
N VAL A 346 4.97 -7.89 -23.45
CA VAL A 346 5.15 -6.71 -24.32
C VAL A 346 3.74 -6.29 -24.76
N THR A 347 3.14 -5.42 -23.93
CA THR A 347 1.78 -4.96 -24.16
C THR A 347 1.61 -3.62 -23.46
N MET A 348 0.87 -2.71 -24.12
CA MET A 348 0.64 -1.39 -23.54
C MET A 348 -0.09 -1.47 -22.21
N ASP A 349 -0.94 -2.50 -22.04
CA ASP A 349 -1.59 -2.71 -20.76
C ASP A 349 -0.55 -2.96 -19.67
N ASP A 350 0.45 -3.80 -19.96
CA ASP A 350 1.54 -4.00 -19.00
C ASP A 350 2.38 -2.74 -18.87
N PHE A 351 2.48 -1.94 -19.92
CA PHE A 351 3.21 -0.68 -19.84
C PHE A 351 2.57 0.26 -18.83
N LEU A 352 1.23 0.31 -18.79
CA LEU A 352 0.55 1.12 -17.79
C LEU A 352 0.56 0.46 -16.41
N THR A 353 0.48 -0.88 -16.37
CA THR A 353 0.56 -1.58 -15.09
C THR A 353 1.90 -1.35 -14.41
N ALA A 354 2.97 -1.24 -15.20
CA ALA A 354 4.28 -0.94 -14.63
C ALA A 354 4.25 0.40 -13.91
N HIS A 355 3.68 1.43 -14.53
CA HIS A 355 3.58 2.72 -13.88
C HIS A 355 2.69 2.65 -12.64
N HIS A 356 1.62 1.85 -12.70
CA HIS A 356 0.71 1.73 -11.57
C HIS A 356 1.42 1.17 -10.34
N GLU A 357 2.13 0.04 -10.51
CA GLU A 357 2.85 -0.53 -9.37
C GLU A 357 4.08 0.29 -8.99
N MET A 358 4.67 1.01 -9.95
CA MET A 358 5.74 1.93 -9.59
C MET A 358 5.23 3.05 -8.70
N GLY A 359 4.03 3.57 -8.98
CA GLY A 359 3.43 4.56 -8.09
C GLY A 359 3.11 3.97 -6.72
N HIS A 360 2.64 2.73 -6.68
CA HIS A 360 2.46 2.06 -5.40
C HIS A 360 3.77 2.00 -4.61
N ILE A 361 4.85 1.63 -5.29
CA ILE A 361 6.15 1.51 -4.61
C ILE A 361 6.62 2.87 -4.14
N GLN A 362 6.42 3.92 -4.94
CA GLN A 362 6.82 5.25 -4.52
C GLN A 362 6.04 5.72 -3.29
N TYR A 363 4.74 5.44 -3.26
CA TYR A 363 3.95 5.78 -2.08
C TYR A 363 4.44 5.01 -0.86
N ASP A 364 4.79 3.73 -1.03
CA ASP A 364 5.32 2.95 0.08
C ASP A 364 6.65 3.52 0.58
N MET A 365 7.53 3.93 -0.35
CA MET A 365 8.81 4.49 0.05
C MET A 365 8.66 5.86 0.70
N ALA A 366 7.55 6.56 0.43
CA ALA A 366 7.39 7.91 0.94
C ALA A 366 7.36 7.95 2.46
N TYR A 367 6.54 7.09 3.08
CA TYR A 367 6.36 7.12 4.52
C TYR A 367 7.15 6.04 5.24
N ALA A 368 8.34 5.70 4.76
CA ALA A 368 9.14 4.69 5.43
C ALA A 368 9.72 5.17 6.76
N ALA A 369 9.67 6.48 7.02
CA ALA A 369 10.22 7.02 8.25
C ALA A 369 9.19 7.11 9.38
N GLN A 370 7.92 6.84 9.09
CA GLN A 370 6.90 6.87 10.12
C GLN A 370 7.04 5.66 11.05
N PRO A 371 6.47 5.73 12.25
CA PRO A 371 6.44 4.55 13.12
C PRO A 371 5.72 3.39 12.47
N PHE A 372 5.92 2.20 13.04
CA PHE A 372 5.45 0.97 12.41
C PHE A 372 3.93 0.97 12.23
N LEU A 373 3.21 1.49 13.22
CA LEU A 373 1.75 1.46 13.15
C LEU A 373 1.17 2.60 12.33
N LEU A 374 2.01 3.50 11.80
CA LEU A 374 1.54 4.63 11.02
C LEU A 374 2.00 4.57 9.57
N ARG A 375 2.42 3.41 9.07
CA ARG A 375 2.88 3.28 7.69
C ARG A 375 1.75 2.70 6.85
N ASN A 376 0.77 3.55 6.56
CA ASN A 376 -0.32 3.20 5.65
C ASN A 376 -0.82 4.49 5.01
N GLY A 377 -1.74 4.33 4.06
CA GLY A 377 -2.42 5.48 3.51
C GLY A 377 -3.33 6.14 4.52
N ALA A 378 -3.61 7.43 4.31
CA ALA A 378 -4.43 8.18 5.27
C ALA A 378 -5.81 7.55 5.42
N ASN A 379 -6.31 6.93 4.35
CA ASN A 379 -7.47 6.05 4.46
C ASN A 379 -7.34 4.98 3.39
N GLU A 380 -8.43 4.26 3.12
CA GLU A 380 -8.37 3.14 2.20
C GLU A 380 -8.51 3.54 0.74
N GLY A 381 -8.61 4.83 0.44
CA GLY A 381 -8.80 5.27 -0.93
C GLY A 381 -7.63 6.00 -1.54
N PHE A 382 -6.76 6.59 -0.72
CA PHE A 382 -5.66 7.38 -1.25
C PHE A 382 -4.61 6.52 -1.94
N HIS A 383 -4.38 5.31 -1.41
CA HIS A 383 -3.28 4.49 -1.89
C HIS A 383 -3.49 4.08 -3.35
N GLU A 384 -4.66 3.52 -3.65
CA GLU A 384 -4.95 3.11 -5.02
C GLU A 384 -5.17 4.31 -5.93
N ALA A 385 -5.67 5.43 -5.40
CA ALA A 385 -5.83 6.62 -6.23
C ALA A 385 -4.49 7.19 -6.67
N VAL A 386 -3.52 7.24 -5.75
CA VAL A 386 -2.18 7.66 -6.11
C VAL A 386 -1.58 6.68 -7.11
N GLY A 387 -1.86 5.39 -6.95
CA GLY A 387 -1.45 4.44 -7.97
C GLY A 387 -2.07 4.73 -9.33
N GLU A 388 -3.33 5.17 -9.36
CA GLU A 388 -4.06 5.30 -10.61
C GLU A 388 -3.71 6.58 -11.36
N ILE A 389 -3.36 7.65 -10.64
CA ILE A 389 -3.11 8.92 -11.33
C ILE A 389 -1.88 8.83 -12.23
N MET A 390 -0.84 8.10 -11.82
CA MET A 390 0.34 7.95 -12.65
C MET A 390 0.03 7.19 -13.93
N SER A 391 -0.78 6.14 -13.83
CA SER A 391 -1.24 5.42 -15.01
C SER A 391 -2.10 6.29 -15.92
N LEU A 392 -2.93 7.15 -15.34
CA LEU A 392 -3.70 8.09 -16.17
C LEU A 392 -2.79 9.04 -16.92
N SER A 393 -1.78 9.59 -16.24
CA SER A 393 -0.91 10.57 -16.87
C SER A 393 -0.01 9.94 -17.93
N ALA A 394 0.43 8.70 -17.72
CA ALA A 394 1.40 8.09 -18.61
C ALA A 394 0.79 7.64 -19.94
N ALA A 395 -0.54 7.56 -20.04
CA ALA A 395 -1.19 7.00 -21.22
C ALA A 395 -1.55 8.04 -22.26
N THR A 396 -1.28 9.32 -22.02
CA THR A 396 -1.66 10.36 -22.96
C THR A 396 -0.78 10.30 -24.21
N PRO A 397 -1.32 10.67 -25.37
CA PRO A 397 -0.50 10.68 -26.59
C PRO A 397 0.74 11.56 -26.49
N LYS A 398 0.69 12.64 -25.71
CA LYS A 398 1.86 13.50 -25.56
C LYS A 398 3.02 12.74 -24.93
N HIS A 399 2.75 11.99 -23.86
CA HIS A 399 3.82 11.23 -23.21
C HIS A 399 4.34 10.11 -24.12
N LEU A 400 3.45 9.46 -24.86
CA LEU A 400 3.88 8.41 -25.79
C LEU A 400 4.77 8.97 -26.88
N LYS A 401 4.43 10.16 -27.40
CA LYS A 401 5.29 10.78 -28.40
C LYS A 401 6.59 11.28 -27.81
N SER A 402 6.59 11.65 -26.53
CA SER A 402 7.80 12.13 -25.88
C SER A 402 8.87 11.05 -25.75
N ILE A 403 8.47 9.78 -25.63
CA ILE A 403 9.42 8.68 -25.48
C ILE A 403 9.67 7.97 -26.80
N GLY A 404 9.15 8.50 -27.91
CA GLY A 404 9.42 7.93 -29.21
C GLY A 404 8.58 6.72 -29.57
N LEU A 405 7.66 6.31 -28.70
CA LEU A 405 6.78 5.18 -28.99
C LEU A 405 5.79 5.47 -30.11
N LEU A 406 5.27 6.69 -30.19
CA LEU A 406 4.32 7.08 -31.22
C LEU A 406 5.03 7.94 -32.26
N SER A 407 4.69 7.72 -33.53
CA SER A 407 5.30 8.50 -34.60
C SER A 407 4.90 9.96 -34.47
N PRO A 408 5.82 10.90 -34.75
CA PRO A 408 5.49 12.32 -34.63
C PRO A 408 4.38 12.78 -35.56
N ASP A 409 4.12 12.03 -36.64
CA ASP A 409 3.11 12.41 -37.62
C ASP A 409 1.69 12.05 -37.17
N PHE A 410 1.49 11.72 -35.91
CA PHE A 410 0.17 11.39 -35.37
C PHE A 410 -0.49 12.67 -34.88
N GLN A 411 -1.51 13.12 -35.60
CA GLN A 411 -2.25 14.33 -35.25
C GLN A 411 -3.59 13.95 -34.66
N GLU A 412 -3.87 14.49 -33.48
CA GLU A 412 -5.11 14.15 -32.78
C GLU A 412 -6.30 14.87 -33.41
N ASP A 413 -7.37 14.10 -33.63
CA ASP A 413 -8.65 14.63 -34.08
C ASP A 413 -9.73 14.21 -33.09
N ASN A 414 -10.76 15.05 -32.96
CA ASN A 414 -11.72 14.93 -31.87
C ASN A 414 -12.45 13.59 -31.87
N GLU A 415 -12.47 12.87 -32.99
CA GLU A 415 -13.02 11.52 -32.98
C GLU A 415 -12.26 10.62 -32.00
N THR A 416 -10.93 10.74 -31.98
CA THR A 416 -10.12 9.94 -31.07
C THR A 416 -10.40 10.29 -29.62
N GLU A 417 -10.51 11.58 -29.29
CA GLU A 417 -10.83 11.96 -27.91
C GLU A 417 -12.23 11.50 -27.51
N ILE A 418 -13.19 11.55 -28.44
CA ILE A 418 -14.52 11.06 -28.13
C ILE A 418 -14.48 9.56 -27.83
N ASN A 419 -13.78 8.79 -28.67
CA ASN A 419 -13.67 7.36 -28.44
C ASN A 419 -12.97 7.06 -27.11
N PHE A 420 -11.89 7.79 -26.81
CA PHE A 420 -11.16 7.57 -25.57
C PHE A 420 -12.03 7.89 -24.36
N LEU A 421 -12.77 9.00 -24.42
CA LEU A 421 -13.63 9.37 -23.30
C LEU A 421 -14.76 8.36 -23.11
N LEU A 422 -15.33 7.85 -24.20
CA LEU A 422 -16.36 6.82 -24.06
C LEU A 422 -15.79 5.55 -23.45
N LYS A 423 -14.59 5.15 -23.89
CA LYS A 423 -13.95 3.98 -23.30
C LYS A 423 -13.69 4.16 -21.81
N GLN A 424 -13.22 5.34 -21.42
CA GLN A 424 -12.99 5.61 -20.00
C GLN A 424 -14.30 5.60 -19.22
N ALA A 425 -15.36 6.17 -19.78
CA ALA A 425 -16.63 6.24 -19.07
C ALA A 425 -17.29 4.87 -18.94
N LEU A 426 -17.03 3.96 -19.88
CA LEU A 426 -17.62 2.63 -19.79
C LEU A 426 -17.10 1.88 -18.57
N THR A 427 -15.97 2.31 -18.02
CA THR A 427 -15.38 1.64 -16.86
C THR A 427 -15.56 2.44 -15.57
N ILE A 428 -15.28 3.75 -15.62
CA ILE A 428 -15.29 4.55 -14.40
C ILE A 428 -16.72 4.92 -14.02
N VAL A 429 -17.48 5.50 -14.95
CA VAL A 429 -18.82 5.98 -14.63
C VAL A 429 -19.76 4.82 -14.34
N GLY A 430 -19.59 3.70 -15.06
CA GLY A 430 -20.54 2.61 -14.95
C GLY A 430 -20.57 1.96 -13.58
N THR A 431 -19.41 1.87 -12.92
CA THR A 431 -19.32 1.14 -11.65
C THR A 431 -19.78 1.94 -10.44
N LEU A 432 -19.91 3.27 -10.56
CA LEU A 432 -20.31 4.08 -9.41
C LEU A 432 -21.72 3.75 -8.92
N PRO A 433 -22.75 3.70 -9.77
CA PRO A 433 -24.08 3.33 -9.27
C PRO A 433 -24.12 1.93 -8.68
N PHE A 434 -23.39 0.97 -9.27
CA PHE A 434 -23.34 -0.38 -8.70
C PHE A 434 -22.72 -0.37 -7.32
N THR A 435 -21.59 0.34 -7.16
CA THR A 435 -20.93 0.39 -5.86
C THR A 435 -21.84 1.04 -4.82
N TYR A 436 -22.48 2.15 -5.18
CA TYR A 436 -23.36 2.83 -4.24
C TYR A 436 -24.54 1.95 -3.87
N MET A 437 -25.15 1.28 -4.84
CA MET A 437 -26.29 0.40 -4.55
C MET A 437 -25.89 -0.74 -3.64
N LEU A 438 -24.77 -1.41 -3.93
CA LEU A 438 -24.35 -2.54 -3.11
C LEU A 438 -24.04 -2.09 -1.69
N GLU A 439 -23.31 -0.98 -1.54
CA GLU A 439 -22.98 -0.50 -0.21
C GLU A 439 -24.22 -0.10 0.57
N LYS A 440 -25.16 0.59 -0.08
CA LYS A 440 -26.38 1.00 0.61
C LYS A 440 -27.22 -0.20 1.02
N TRP A 441 -27.32 -1.20 0.14
CA TRP A 441 -28.06 -2.42 0.48
C TRP A 441 -27.43 -3.15 1.66
N ARG A 442 -26.11 -3.29 1.66
CA ARG A 442 -25.44 -3.94 2.78
C ARG A 442 -25.60 -3.15 4.07
N TRP A 443 -25.53 -1.82 3.97
CA TRP A 443 -25.72 -0.99 5.16
C TRP A 443 -27.13 -1.16 5.74
N MET A 444 -28.15 -1.18 4.88
CA MET A 444 -29.50 -1.42 5.36
C MET A 444 -29.67 -2.82 5.94
N VAL A 445 -29.05 -3.83 5.32
CA VAL A 445 -29.17 -5.19 5.82
C VAL A 445 -28.55 -5.30 7.21
N PHE A 446 -27.37 -4.71 7.40
CA PHE A 446 -26.73 -4.76 8.71
C PHE A 446 -27.49 -3.92 9.73
N LYS A 447 -28.03 -2.78 9.31
CA LYS A 447 -28.75 -1.90 10.24
C LYS A 447 -30.04 -2.54 10.75
N GLY A 448 -30.66 -3.41 9.98
CA GLY A 448 -31.91 -4.03 10.38
C GLY A 448 -33.15 -3.39 9.80
N GLU A 449 -33.01 -2.31 9.03
CA GLU A 449 -34.16 -1.70 8.37
C GLU A 449 -34.79 -2.62 7.33
N ILE A 450 -34.03 -3.57 6.79
CA ILE A 450 -34.51 -4.48 5.77
C ILE A 450 -34.84 -5.81 6.45
N PRO A 451 -36.10 -6.24 6.45
CA PRO A 451 -36.44 -7.50 7.10
C PRO A 451 -35.88 -8.72 6.37
N LYS A 452 -35.69 -9.79 7.15
CA LYS A 452 -35.09 -11.01 6.62
C LYS A 452 -35.85 -11.50 5.40
N ASP A 453 -37.13 -11.83 5.57
CA ASP A 453 -37.95 -12.40 4.51
C ASP A 453 -38.12 -11.46 3.33
N GLN A 454 -37.82 -10.18 3.49
CA GLN A 454 -37.89 -9.22 2.39
C GLN A 454 -36.50 -8.73 1.97
N TRP A 455 -35.46 -9.55 2.10
CA TRP A 455 -34.16 -9.17 1.55
C TRP A 455 -34.24 -8.99 0.04
N MET A 456 -34.47 -10.09 -0.68
CA MET A 456 -34.51 -10.02 -2.13
C MET A 456 -35.67 -9.18 -2.63
N LYS A 457 -36.80 -9.23 -1.93
CA LYS A 457 -37.93 -8.37 -2.27
C LYS A 457 -37.47 -6.92 -2.36
N LYS A 458 -36.60 -6.50 -1.44
CA LYS A 458 -36.05 -5.15 -1.52
C LYS A 458 -34.96 -5.04 -2.58
N TRP A 459 -34.13 -6.08 -2.70
CA TRP A 459 -32.88 -5.96 -3.45
C TRP A 459 -33.12 -5.54 -4.89
N TRP A 460 -34.29 -5.82 -5.42
CA TRP A 460 -34.53 -5.58 -6.84
C TRP A 460 -35.28 -4.28 -7.13
N GLU A 461 -35.63 -3.48 -6.12
CA GLU A 461 -36.13 -2.15 -6.44
C GLU A 461 -34.98 -1.17 -6.66
N MET A 462 -33.92 -1.27 -5.86
CA MET A 462 -32.76 -0.41 -6.05
C MET A 462 -32.13 -0.64 -7.42
N LYS A 463 -32.01 -1.89 -7.85
CA LYS A 463 -31.42 -2.21 -9.14
C LYS A 463 -32.17 -1.53 -10.27
N ARG A 464 -33.46 -1.24 -10.08
CA ARG A 464 -34.24 -0.58 -11.11
C ARG A 464 -34.18 0.94 -10.97
N GLU A 465 -33.96 1.43 -9.74
CA GLU A 465 -34.04 2.88 -9.52
C GLU A 465 -32.66 3.51 -9.45
N ILE A 466 -31.67 2.79 -8.92
CA ILE A 466 -30.32 3.34 -8.78
C ILE A 466 -29.47 3.05 -10.01
N VAL A 467 -29.28 1.78 -10.34
CA VAL A 467 -28.46 1.41 -11.49
C VAL A 467 -29.30 1.15 -12.73
N GLY A 468 -30.61 1.04 -12.60
CA GLY A 468 -31.48 0.83 -13.75
C GLY A 468 -31.28 -0.50 -14.45
N VAL A 469 -31.20 -1.59 -13.70
CA VAL A 469 -31.03 -2.93 -14.26
C VAL A 469 -32.19 -3.80 -13.77
N VAL A 470 -32.82 -4.52 -14.71
CA VAL A 470 -33.95 -5.39 -14.40
C VAL A 470 -33.52 -6.83 -14.62
N GLU A 471 -33.91 -7.71 -13.70
CA GLU A 471 -33.50 -9.10 -13.76
C GLU A 471 -34.21 -9.81 -14.93
N PRO A 472 -33.55 -10.78 -15.56
CA PRO A 472 -34.24 -11.58 -16.59
C PRO A 472 -35.10 -12.69 -16.03
N VAL A 473 -34.78 -13.23 -14.86
CA VAL A 473 -35.56 -14.29 -14.24
C VAL A 473 -35.83 -13.91 -12.78
N PRO A 474 -37.09 -13.89 -12.34
CA PRO A 474 -37.37 -13.56 -10.94
C PRO A 474 -36.75 -14.57 -9.98
N HIS A 475 -36.29 -14.07 -8.84
CA HIS A 475 -35.63 -14.89 -7.83
C HIS A 475 -36.35 -14.72 -6.50
N ASP A 476 -36.60 -15.82 -5.80
CA ASP A 476 -37.24 -15.78 -4.50
C ASP A 476 -36.18 -15.74 -3.41
N GLU A 477 -36.60 -15.93 -2.16
CA GLU A 477 -35.71 -15.88 -1.01
C GLU A 477 -34.69 -17.01 -0.99
N THR A 478 -34.92 -18.09 -1.74
CA THR A 478 -33.98 -19.21 -1.79
C THR A 478 -32.64 -18.81 -2.38
N TYR A 479 -32.62 -18.01 -3.43
CA TYR A 479 -31.38 -17.58 -4.06
C TYR A 479 -30.64 -16.60 -3.15
N CYS A 480 -29.32 -16.51 -3.33
CA CYS A 480 -28.52 -15.46 -2.69
C CYS A 480 -27.67 -14.84 -3.79
N ASP A 481 -28.26 -13.88 -4.51
CA ASP A 481 -27.62 -13.20 -5.64
C ASP A 481 -26.40 -12.38 -5.21
N PRO A 482 -26.49 -11.54 -4.15
CA PRO A 482 -25.31 -10.74 -3.78
C PRO A 482 -24.07 -11.57 -3.50
N ALA A 483 -24.23 -12.74 -2.86
CA ALA A 483 -23.07 -13.53 -2.44
C ALA A 483 -22.29 -14.09 -3.62
N SER A 484 -22.83 -13.99 -4.83
CA SER A 484 -22.09 -14.42 -6.02
C SER A 484 -20.89 -13.53 -6.30
N LEU A 485 -20.77 -12.38 -5.64
CA LEU A 485 -19.62 -11.50 -5.81
C LEU A 485 -18.50 -11.92 -4.88
N PHE A 486 -17.25 -11.73 -5.35
CA PHE A 486 -16.09 -12.14 -4.58
C PHE A 486 -15.96 -11.35 -3.28
N HIS A 487 -16.24 -10.04 -3.34
CA HIS A 487 -15.97 -9.18 -2.20
C HIS A 487 -16.88 -9.49 -1.01
N VAL A 488 -18.18 -9.61 -1.25
CA VAL A 488 -19.11 -9.81 -0.14
C VAL A 488 -18.98 -11.23 0.41
N SER A 489 -18.69 -12.20 -0.46
CA SER A 489 -18.48 -13.57 -0.02
C SER A 489 -17.22 -13.74 0.81
N ASN A 490 -16.20 -12.92 0.57
CA ASN A 490 -14.97 -12.95 1.34
C ASN A 490 -14.94 -11.88 2.43
N ASP A 491 -16.05 -11.18 2.64
CA ASP A 491 -16.19 -10.20 3.72
C ASP A 491 -15.17 -9.07 3.59
N TYR A 492 -15.26 -8.33 2.49
CA TYR A 492 -14.47 -7.13 2.27
C TYR A 492 -15.39 -5.95 2.06
N SER A 493 -14.99 -4.80 2.60
CA SER A 493 -15.73 -3.56 2.40
C SER A 493 -15.69 -3.15 0.94
N PHE A 494 -16.76 -2.52 0.47
CA PHE A 494 -16.92 -2.19 -0.94
C PHE A 494 -16.93 -0.68 -1.23
N ILE A 495 -16.98 0.17 -0.21
CA ILE A 495 -17.03 1.61 -0.44
C ILE A 495 -15.69 2.18 -0.85
N ARG A 496 -14.59 1.46 -0.64
CA ARG A 496 -13.28 1.98 -1.00
C ARG A 496 -13.14 2.16 -2.50
N TYR A 497 -13.96 1.45 -3.29
CA TYR A 497 -13.94 1.63 -4.74
C TYR A 497 -14.69 2.87 -5.18
N TYR A 498 -15.52 3.45 -4.30
CA TYR A 498 -16.23 4.67 -4.65
C TYR A 498 -15.37 5.91 -4.40
N THR A 499 -14.93 6.09 -3.15
CA THR A 499 -14.17 7.28 -2.80
C THR A 499 -12.89 7.40 -3.62
N ARG A 500 -12.22 6.27 -3.87
CA ARG A 500 -11.04 6.29 -4.72
C ARG A 500 -11.35 6.93 -6.07
N THR A 501 -12.49 6.58 -6.68
CA THR A 501 -12.86 7.17 -7.96
C THR A 501 -12.97 8.68 -7.85
N LEU A 502 -13.47 9.17 -6.72
CA LEU A 502 -13.63 10.62 -6.56
C LEU A 502 -12.36 11.26 -6.02
N TYR A 503 -11.31 10.47 -5.79
CA TYR A 503 -10.06 11.05 -5.33
C TYR A 503 -9.08 11.23 -6.49
N GLN A 504 -8.97 10.22 -7.36
CA GLN A 504 -7.97 10.25 -8.42
C GLN A 504 -8.21 11.40 -9.39
N PHE A 505 -9.42 11.97 -9.39
CA PHE A 505 -9.70 13.12 -10.24
C PHE A 505 -9.51 14.44 -9.51
N GLN A 506 -9.64 14.45 -8.18
CA GLN A 506 -9.34 15.67 -7.43
C GLN A 506 -7.84 15.93 -7.40
N PHE A 507 -7.04 14.87 -7.29
CA PHE A 507 -5.59 15.02 -7.33
C PHE A 507 -5.14 15.57 -8.67
N GLN A 508 -5.57 14.93 -9.76
CA GLN A 508 -5.03 15.23 -11.08
C GLN A 508 -5.21 16.70 -11.42
N GLU A 509 -6.43 17.22 -11.27
CA GLU A 509 -6.67 18.63 -11.58
C GLU A 509 -5.76 19.53 -10.76
N ALA A 510 -5.55 19.19 -9.48
CA ALA A 510 -4.58 19.93 -8.68
C ALA A 510 -3.18 19.76 -9.24
N LEU A 511 -2.79 18.51 -9.52
CA LEU A 511 -1.45 18.27 -10.03
C LEU A 511 -1.23 18.97 -11.37
N CYS A 512 -2.20 18.85 -12.28
CA CYS A 512 -2.10 19.56 -13.55
C CYS A 512 -2.09 21.07 -13.36
N GLN A 513 -2.66 21.55 -12.25
CA GLN A 513 -2.61 22.98 -11.97
C GLN A 513 -1.19 23.42 -11.64
N ALA A 514 -0.39 22.53 -11.06
CA ALA A 514 0.99 22.85 -10.76
C ALA A 514 1.87 22.83 -12.01
N ALA A 515 1.51 22.03 -13.01
CA ALA A 515 2.25 21.96 -14.26
C ALA A 515 1.81 23.01 -15.28
N LYS A 516 0.81 23.84 -14.93
CA LYS A 516 0.32 24.89 -15.80
C LYS A 516 -0.17 24.33 -17.13
N HIS A 517 -0.86 23.20 -17.07
CA HIS A 517 -1.42 22.59 -18.27
C HIS A 517 -2.50 23.49 -18.86
N GLU A 518 -2.51 23.60 -20.18
CA GLU A 518 -3.48 24.43 -20.90
C GLU A 518 -4.26 23.56 -21.87
N GLY A 519 -5.58 23.64 -21.78
CA GLY A 519 -6.45 22.86 -22.65
C GLY A 519 -7.32 21.90 -21.88
N PRO A 520 -7.78 20.84 -22.55
CA PRO A 520 -8.62 19.85 -21.86
C PRO A 520 -7.84 19.15 -20.75
N LEU A 521 -8.57 18.75 -19.70
CA LEU A 521 -7.93 18.06 -18.59
C LEU A 521 -7.55 16.63 -18.96
N HIS A 522 -8.33 15.99 -19.82
CA HIS A 522 -8.07 14.60 -20.17
C HIS A 522 -6.83 14.42 -21.04
N LYS A 523 -6.25 15.50 -21.54
CA LYS A 523 -4.99 15.45 -22.28
C LYS A 523 -3.83 16.03 -21.47
N CYS A 524 -3.87 15.90 -20.15
CA CYS A 524 -2.85 16.51 -19.29
C CYS A 524 -1.64 15.59 -19.15
N ASP A 525 -0.56 16.17 -18.60
CA ASP A 525 0.67 15.43 -18.33
C ASP A 525 1.40 16.17 -17.21
N ILE A 526 1.91 15.41 -16.24
CA ILE A 526 2.55 16.01 -15.08
C ILE A 526 4.06 15.80 -15.15
N SER A 527 4.55 15.36 -16.30
CA SER A 527 5.98 15.18 -16.47
C SER A 527 6.69 16.52 -16.53
N ASN A 528 7.95 16.52 -16.08
CA ASN A 528 8.78 17.73 -16.02
C ASN A 528 8.09 18.83 -15.22
N SER A 529 7.52 18.47 -14.06
CA SER A 529 6.75 19.41 -13.27
C SER A 529 7.14 19.33 -11.80
N THR A 530 8.45 19.41 -11.51
CA THR A 530 9.00 19.21 -10.18
C THR A 530 8.20 19.89 -9.07
N GLU A 531 7.54 21.00 -9.38
CA GLU A 531 6.64 21.63 -8.41
C GLU A 531 5.49 20.69 -8.05
N ALA A 532 4.90 20.05 -9.06
CA ALA A 532 3.83 19.08 -8.79
C ALA A 532 4.36 17.88 -8.02
N GLY A 533 5.59 17.45 -8.33
CA GLY A 533 6.19 16.36 -7.58
C GLY A 533 6.36 16.69 -6.11
N GLN A 534 6.84 17.90 -5.81
CA GLN A 534 6.97 18.33 -4.42
C GLN A 534 5.60 18.43 -3.75
N LYS A 535 4.61 18.96 -4.47
CA LYS A 535 3.27 19.08 -3.91
C LYS A 535 2.70 17.71 -3.55
N LEU A 536 2.93 16.72 -4.41
CA LEU A 536 2.43 15.38 -4.12
C LEU A 536 3.23 14.71 -3.01
N PHE A 537 4.55 14.91 -2.99
CA PHE A 537 5.40 14.29 -1.98
C PHE A 537 5.08 14.82 -0.59
N ASN A 538 4.73 16.10 -0.48
CA ASN A 538 4.36 16.66 0.82
C ASN A 538 3.19 15.91 1.46
N MET A 539 2.31 15.34 0.65
CA MET A 539 1.22 14.52 1.17
C MET A 539 1.62 13.05 1.30
N LEU A 540 2.42 12.54 0.35
CA LEU A 540 2.80 11.13 0.41
C LEU A 540 3.62 10.82 1.65
N ARG A 541 4.43 11.79 2.11
CA ARG A 541 5.31 11.52 3.24
C ARG A 541 4.59 11.47 4.58
N LEU A 542 3.34 11.92 4.64
CA LEU A 542 2.63 11.97 5.92
C LEU A 542 2.32 10.57 6.44
N GLY A 543 1.75 9.71 5.60
CA GLY A 543 1.32 8.40 6.08
C GLY A 543 0.01 8.52 6.82
N LYS A 544 -0.11 7.76 7.91
CA LYS A 544 -1.31 7.75 8.74
C LYS A 544 -1.20 8.69 9.93
N SER A 545 -0.13 9.47 10.02
CA SER A 545 0.07 10.32 11.19
C SER A 545 -0.99 11.39 11.31
N GLU A 546 -1.38 11.98 10.18
CA GLU A 546 -2.33 13.09 10.15
C GLU A 546 -3.68 12.63 9.62
N PRO A 547 -4.77 13.33 9.98
CA PRO A 547 -6.09 12.94 9.48
C PRO A 547 -6.15 13.03 7.96
N TRP A 548 -6.98 12.18 7.36
CA TRP A 548 -7.08 12.14 5.91
C TRP A 548 -7.65 13.43 5.35
N THR A 549 -8.47 14.14 6.12
CA THR A 549 -8.96 15.44 5.68
C THR A 549 -7.83 16.44 5.51
N LEU A 550 -6.90 16.46 6.47
CA LEU A 550 -5.75 17.35 6.35
C LEU A 550 -4.86 16.96 5.17
N ALA A 551 -4.66 15.67 4.96
CA ALA A 551 -3.84 15.22 3.83
C ALA A 551 -4.48 15.61 2.51
N LEU A 552 -5.80 15.46 2.39
CA LEU A 552 -6.49 15.87 1.18
C LEU A 552 -6.41 17.37 0.96
N GLU A 553 -6.57 18.15 2.05
CA GLU A 553 -6.48 19.60 1.93
C GLU A 553 -5.08 20.04 1.55
N ASN A 554 -4.06 19.26 1.94
CA ASN A 554 -2.68 19.63 1.61
C ASN A 554 -2.45 19.67 0.11
N VAL A 555 -3.23 18.92 -0.66
CA VAL A 555 -3.02 18.86 -2.11
C VAL A 555 -4.11 19.59 -2.87
N VAL A 556 -5.38 19.46 -2.46
CA VAL A 556 -6.48 20.06 -3.21
C VAL A 556 -7.09 21.26 -2.51
N GLY A 557 -6.76 21.51 -1.25
CA GLY A 557 -7.31 22.65 -0.54
C GLY A 557 -8.70 22.44 0.02
N ALA A 558 -9.26 21.24 -0.07
CA ALA A 558 -10.58 20.94 0.45
C ALA A 558 -10.49 19.80 1.45
N LYS A 559 -11.36 19.84 2.45
CA LYS A 559 -11.37 18.84 3.51
C LYS A 559 -12.39 17.74 3.27
N ASN A 560 -13.11 17.77 2.14
CA ASN A 560 -14.16 16.80 1.88
C ASN A 560 -14.03 16.28 0.46
N MET A 561 -14.58 15.08 0.25
CA MET A 561 -14.58 14.49 -1.09
C MET A 561 -15.48 15.29 -2.02
N ASN A 562 -14.95 15.62 -3.20
CA ASN A 562 -15.65 16.46 -4.16
C ASN A 562 -15.70 15.76 -5.52
N VAL A 563 -16.78 16.01 -6.26
CA VAL A 563 -17.02 15.33 -7.53
C VAL A 563 -16.90 16.27 -8.72
N ARG A 564 -16.77 17.58 -8.48
CA ARG A 564 -16.64 18.53 -9.59
C ARG A 564 -15.49 18.20 -10.54
N PRO A 565 -14.29 17.82 -10.08
CA PRO A 565 -13.23 17.44 -11.03
C PRO A 565 -13.62 16.27 -11.93
N LEU A 566 -14.34 15.28 -11.40
CA LEU A 566 -14.75 14.15 -12.22
C LEU A 566 -15.69 14.58 -13.35
N LEU A 567 -16.66 15.44 -13.03
CA LEU A 567 -17.56 15.92 -14.07
C LEU A 567 -16.84 16.85 -15.05
N ASN A 568 -15.85 17.62 -14.57
CA ASN A 568 -15.07 18.45 -15.46
C ASN A 568 -14.23 17.60 -16.41
N TYR A 569 -13.82 16.41 -15.96
CA TYR A 569 -13.03 15.53 -16.81
C TYR A 569 -13.82 15.07 -18.03
N PHE A 570 -15.12 14.80 -17.86
CA PHE A 570 -15.95 14.24 -18.91
C PHE A 570 -16.85 15.29 -19.57
N GLU A 571 -16.52 16.56 -19.47
CA GLU A 571 -17.40 17.60 -20.01
C GLU A 571 -17.59 17.52 -21.52
N PRO A 572 -16.54 17.41 -22.36
CA PRO A 572 -16.80 17.23 -23.80
C PRO A 572 -17.62 15.98 -24.09
N LEU A 573 -17.35 14.90 -23.37
CA LEU A 573 -18.15 13.69 -23.52
C LEU A 573 -19.60 13.94 -23.11
N PHE A 574 -19.80 14.71 -22.05
CA PHE A 574 -21.16 15.04 -21.62
C PHE A 574 -21.90 15.81 -22.71
N THR A 575 -21.24 16.80 -23.33
CA THR A 575 -21.87 17.55 -24.41
C THR A 575 -22.17 16.65 -25.60
N TRP A 576 -21.24 15.75 -25.95
CA TRP A 576 -21.47 14.85 -27.07
C TRP A 576 -22.65 13.91 -26.82
N LEU A 577 -22.74 13.37 -25.60
CA LEU A 577 -23.88 12.52 -25.26
C LEU A 577 -25.19 13.31 -25.28
N LYS A 578 -25.18 14.54 -24.79
CA LYS A 578 -26.39 15.36 -24.86
C LYS A 578 -26.83 15.57 -26.31
N ASP A 579 -25.87 15.91 -27.18
CA ASP A 579 -26.18 16.12 -28.59
C ASP A 579 -26.72 14.84 -29.21
N GLN A 580 -26.12 13.69 -28.92
CA GLN A 580 -26.56 12.44 -29.52
C GLN A 580 -27.92 11.99 -29.00
N ASN A 581 -28.20 12.20 -27.72
CA ASN A 581 -29.42 11.71 -27.09
C ASN A 581 -30.53 12.73 -27.04
N LYS A 582 -30.34 13.91 -27.65
CA LYS A 582 -31.43 14.87 -27.74
C LYS A 582 -32.66 14.29 -28.44
N ASN A 583 -32.48 13.27 -29.29
CA ASN A 583 -33.56 12.67 -30.05
C ASN A 583 -33.98 11.32 -29.47
N SER A 584 -33.68 11.07 -28.20
CA SER A 584 -34.02 9.82 -27.54
C SER A 584 -34.57 10.10 -26.16
N PHE A 585 -35.38 9.15 -25.67
CA PHE A 585 -35.96 9.25 -24.34
C PHE A 585 -34.86 9.17 -23.28
N VAL A 586 -34.98 9.98 -22.24
CA VAL A 586 -34.02 10.03 -21.14
C VAL A 586 -34.70 9.51 -19.88
N GLY A 587 -34.12 8.48 -19.28
CA GLY A 587 -34.67 7.84 -18.11
C GLY A 587 -35.01 6.39 -18.38
N TRP A 588 -35.67 5.78 -17.40
CA TRP A 588 -36.07 4.39 -17.50
C TRP A 588 -37.29 4.15 -16.62
N SER A 589 -37.95 3.01 -16.85
CA SER A 589 -39.12 2.63 -16.08
C SER A 589 -38.81 1.40 -15.24
N THR A 590 -39.32 1.37 -14.01
CA THR A 590 -39.04 0.28 -13.08
C THR A 590 -40.10 -0.81 -13.12
N ASP A 591 -41.10 -0.71 -14.00
CA ASP A 591 -42.18 -1.68 -14.02
C ASP A 591 -42.00 -2.76 -15.09
N TRP A 592 -41.33 -2.44 -16.20
CA TRP A 592 -41.14 -3.43 -17.25
C TRP A 592 -40.11 -4.47 -16.84
N SER A 593 -40.32 -5.70 -17.30
CA SER A 593 -39.39 -6.80 -17.08
C SER A 593 -39.28 -7.61 -18.35
N PRO A 594 -38.08 -8.14 -18.65
CA PRO A 594 -37.94 -8.99 -19.84
C PRO A 594 -38.75 -10.27 -19.77
N TYR A 595 -39.06 -10.76 -18.57
CA TYR A 595 -39.87 -11.96 -18.40
C TYR A 595 -41.36 -11.66 -18.30
N ALA A 596 -41.74 -10.39 -18.45
CA ALA A 596 -43.14 -9.96 -18.38
C ALA A 596 -43.81 -10.39 -17.07
N THR B 1 62.07 3.12 11.96
CA THR B 1 60.76 3.00 11.34
C THR B 1 59.86 2.05 12.13
N ASN B 2 59.27 2.56 13.21
CA ASN B 2 58.38 1.79 14.06
C ASN B 2 56.93 2.13 13.70
N LEU B 3 56.29 1.28 12.91
CA LEU B 3 54.92 1.49 12.48
C LEU B 3 53.99 0.62 13.31
N CYS B 4 53.20 1.25 14.17
CA CYS B 4 52.25 0.51 14.99
C CYS B 4 51.01 0.15 14.17
N PRO B 5 50.30 -0.92 14.54
CA PRO B 5 49.28 -1.46 13.64
C PRO B 5 47.93 -0.73 13.69
N PHE B 6 47.63 -0.03 12.59
CA PHE B 6 46.24 0.24 12.25
C PHE B 6 45.62 -0.95 11.54
N ASP B 7 46.43 -1.95 11.18
CA ASP B 7 45.90 -3.17 10.58
C ASP B 7 45.14 -4.02 11.59
N GLU B 8 45.52 -3.96 12.86
CA GLU B 8 44.77 -4.70 13.88
C GLU B 8 43.49 -3.99 14.25
N VAL B 9 43.31 -2.77 13.76
CA VAL B 9 42.09 -2.01 14.04
C VAL B 9 41.14 -2.05 12.85
N PHE B 10 41.62 -1.63 11.68
CA PHE B 10 40.76 -1.53 10.51
C PHE B 10 40.47 -2.90 9.90
N ASN B 11 41.46 -3.79 9.95
CA ASN B 11 41.35 -5.10 9.31
C ASN B 11 41.00 -6.21 10.29
N ALA B 12 40.49 -5.87 11.47
CA ALA B 12 40.10 -6.88 12.43
C ALA B 12 39.02 -7.79 11.86
N THR B 13 39.15 -9.09 12.13
CA THR B 13 38.20 -10.05 11.58
C THR B 13 36.82 -9.89 12.19
N ARG B 14 36.74 -9.32 13.40
CA ARG B 14 35.47 -9.12 14.08
C ARG B 14 35.55 -7.81 14.86
N PHE B 15 34.46 -7.05 14.84
CA PHE B 15 34.39 -5.81 15.60
C PHE B 15 33.57 -6.03 16.86
N ALA B 16 33.33 -4.93 17.59
CA ALA B 16 32.60 -4.98 18.83
C ALA B 16 31.22 -4.34 18.69
N SER B 17 30.36 -4.58 19.67
CA SER B 17 29.05 -3.98 19.69
C SER B 17 29.16 -2.48 20.00
N VAL B 18 28.13 -1.72 19.64
CA VAL B 18 28.17 -0.28 19.87
C VAL B 18 28.13 0.03 21.36
N TYR B 19 27.39 -0.76 22.13
CA TYR B 19 27.30 -0.50 23.57
C TYR B 19 28.54 -0.98 24.30
N ALA B 20 29.33 -1.85 23.67
CA ALA B 20 30.59 -2.34 24.23
C ALA B 20 31.75 -2.04 23.28
N TRP B 21 31.82 -0.79 22.80
CA TRP B 21 32.80 -0.41 21.79
C TRP B 21 34.22 -0.63 22.30
N ASN B 22 35.11 -1.01 21.40
CA ASN B 22 36.47 -1.36 21.76
C ASN B 22 37.38 -0.14 21.68
N ARG B 23 38.10 0.13 22.77
CA ARG B 23 39.03 1.25 22.85
C ARG B 23 40.45 0.72 22.88
N LYS B 24 41.32 1.28 22.03
CA LYS B 24 42.71 0.84 21.91
C LYS B 24 43.62 2.05 22.01
N ARG B 25 44.68 1.91 22.82
CA ARG B 25 45.67 2.97 22.98
C ARG B 25 46.86 2.76 22.06
N ILE B 26 47.31 3.84 21.45
CA ILE B 26 48.37 3.82 20.44
C ILE B 26 49.37 4.91 20.78
N SER B 27 50.63 4.55 20.92
CA SER B 27 51.68 5.47 21.35
C SER B 27 53.04 4.96 20.87
N ASN B 28 54.03 5.86 20.90
CA ASN B 28 55.41 5.55 20.50
C ASN B 28 55.45 4.99 19.07
N CYS B 29 55.06 5.84 18.13
CA CYS B 29 54.62 5.35 16.83
C CYS B 29 55.25 6.18 15.73
N VAL B 30 55.20 5.63 14.51
CA VAL B 30 55.33 6.42 13.29
C VAL B 30 53.95 6.42 12.63
N ALA B 31 53.15 7.44 12.94
CA ALA B 31 51.74 7.48 12.58
C ALA B 31 51.62 7.86 11.10
N ASP B 32 51.23 6.89 10.28
CA ASP B 32 51.08 7.12 8.84
C ASP B 32 49.59 7.08 8.47
N TYR B 33 48.96 8.26 8.57
CA TYR B 33 47.56 8.37 8.20
C TYR B 33 47.40 8.48 6.68
N SER B 34 48.50 8.67 5.97
CA SER B 34 48.44 8.88 4.52
C SER B 34 47.88 7.68 3.77
N VAL B 35 48.19 6.46 4.20
CA VAL B 35 47.76 5.25 3.50
C VAL B 35 46.67 4.61 4.35
N LEU B 36 45.43 5.01 4.09
CA LEU B 36 44.26 4.40 4.72
C LEU B 36 43.14 4.14 3.73
N TYR B 37 43.31 4.46 2.45
CA TYR B 37 42.25 4.32 1.46
C TYR B 37 42.30 2.95 0.79
N ASN B 38 42.31 1.90 1.59
CA ASN B 38 42.37 0.53 1.11
C ASN B 38 41.16 -0.27 1.58
N LEU B 39 39.99 0.36 1.54
CA LEU B 39 38.73 -0.28 1.92
C LEU B 39 37.73 -0.10 0.79
N ALA B 40 36.75 -0.98 0.75
CA ALA B 40 35.72 -0.91 -0.27
C ALA B 40 34.95 0.40 -0.16
N PRO B 41 34.88 1.23 -1.23
CA PRO B 41 34.41 2.62 -1.14
C PRO B 41 33.92 3.10 0.22
N PHE B 42 34.84 3.38 1.12
CA PHE B 42 34.49 3.83 2.47
C PHE B 42 33.76 5.16 2.41
N PHE B 43 32.47 5.12 2.76
CA PHE B 43 31.60 6.27 2.58
C PHE B 43 32.00 7.47 3.43
N THR B 44 32.36 7.27 4.70
CA THR B 44 32.54 8.41 5.59
C THR B 44 34.00 8.49 6.04
N PHE B 45 34.58 9.68 5.86
CA PHE B 45 35.91 9.99 6.40
C PHE B 45 35.89 11.48 6.74
N LYS B 46 35.54 11.81 7.98
CA LYS B 46 35.33 13.19 8.38
C LYS B 46 36.14 13.50 9.63
N CYS B 47 36.89 14.59 9.60
CA CYS B 47 37.72 14.99 10.73
C CYS B 47 37.25 16.33 11.29
N TYR B 48 37.19 16.41 12.61
CA TYR B 48 36.79 17.61 13.32
C TYR B 48 37.96 18.15 14.12
N GLY B 49 38.17 19.45 14.05
CA GLY B 49 39.28 20.08 14.76
C GLY B 49 40.60 20.09 14.04
N VAL B 50 41.00 18.96 13.46
CA VAL B 50 42.24 18.86 12.71
C VAL B 50 41.91 18.64 11.24
N SER B 51 42.62 19.37 10.38
CA SER B 51 42.37 19.34 8.95
C SER B 51 42.84 18.03 8.36
N PRO B 52 41.98 17.31 7.62
CA PRO B 52 42.44 16.07 6.96
C PRO B 52 43.46 16.30 5.86
N THR B 53 43.55 17.53 5.34
CA THR B 53 44.34 17.81 4.14
C THR B 53 45.82 17.82 4.49
N LYS B 54 46.36 16.62 4.67
CA LYS B 54 47.81 16.41 4.86
C LYS B 54 48.34 17.20 6.06
N LEU B 55 47.55 17.25 7.14
CA LEU B 55 48.01 17.82 8.40
C LEU B 55 48.50 16.74 9.36
N ASN B 56 48.96 15.61 8.83
CA ASN B 56 49.52 14.53 9.64
C ASN B 56 50.86 14.91 10.26
N ASP B 57 51.49 15.99 9.80
CA ASP B 57 52.75 16.46 10.36
C ASP B 57 52.53 17.26 11.64
N LEU B 58 52.06 16.61 12.71
CA LEU B 58 51.90 17.23 14.01
C LEU B 58 51.98 16.12 15.07
N CYS B 59 52.76 16.36 16.11
CA CYS B 59 53.12 15.31 17.05
C CYS B 59 52.16 15.30 18.24
N PHE B 60 51.58 14.13 18.49
CA PHE B 60 50.56 13.95 19.51
C PHE B 60 51.09 13.04 20.61
N THR B 61 50.60 13.26 21.82
CA THR B 61 51.02 12.44 22.96
C THR B 61 50.54 11.00 22.82
N ASN B 62 49.25 10.82 22.55
CA ASN B 62 48.64 9.49 22.45
C ASN B 62 47.52 9.54 21.42
N VAL B 63 47.12 8.36 20.96
CA VAL B 63 45.98 8.22 20.06
C VAL B 63 45.09 7.11 20.60
N TYR B 64 43.77 7.32 20.55
CA TYR B 64 42.81 6.26 20.84
C TYR B 64 42.03 5.89 19.58
N ALA B 65 41.89 4.59 19.34
CA ALA B 65 41.05 4.07 18.27
C ALA B 65 39.87 3.33 18.91
N ASP B 66 38.66 3.80 18.62
CA ASP B 66 37.44 3.19 19.13
C ASP B 66 36.67 2.57 17.96
N SER B 67 36.41 1.28 18.05
CA SER B 67 35.81 0.52 16.96
C SER B 67 34.49 -0.09 17.40
N PHE B 68 33.50 -0.04 16.51
CA PHE B 68 32.20 -0.67 16.75
C PHE B 68 31.48 -0.83 15.42
N VAL B 69 30.27 -1.37 15.48
CA VAL B 69 29.42 -1.61 14.32
C VAL B 69 28.02 -1.09 14.62
N ILE B 70 27.45 -0.33 13.67
CA ILE B 70 26.10 0.19 13.76
C ILE B 70 25.39 -0.07 12.43
N ARG B 71 24.18 0.46 12.29
CA ARG B 71 23.52 0.42 11.00
C ARG B 71 23.68 1.77 10.29
N GLY B 72 23.32 1.78 9.01
CA GLY B 72 23.65 2.93 8.18
C GLY B 72 22.98 4.21 8.60
N ASP B 73 21.80 4.12 9.22
CA ASP B 73 21.05 5.33 9.55
C ASP B 73 21.71 6.11 10.68
N GLU B 74 22.37 5.42 11.61
CA GLU B 74 22.91 6.11 12.77
C GLU B 74 24.35 6.57 12.59
N VAL B 75 24.92 6.42 11.40
CA VAL B 75 26.29 6.90 11.17
C VAL B 75 26.36 8.41 11.37
N ARG B 76 25.27 9.12 11.07
CA ARG B 76 25.23 10.56 11.30
C ARG B 76 25.30 10.91 12.78
N GLN B 77 24.93 9.98 13.67
CA GLN B 77 24.92 10.27 15.10
C GLN B 77 26.31 10.21 15.72
N ILE B 78 27.31 9.72 15.01
CA ILE B 78 28.69 9.71 15.52
C ILE B 78 29.30 11.04 15.09
N ALA B 79 29.04 12.08 15.89
CA ALA B 79 29.48 13.44 15.63
C ALA B 79 29.19 14.29 16.85
N PRO B 80 29.92 15.39 17.07
CA PRO B 80 29.63 16.25 18.21
C PRO B 80 28.23 16.86 18.11
N GLY B 81 27.58 16.98 19.27
CA GLY B 81 26.29 17.64 19.35
C GLY B 81 25.16 16.98 18.59
N GLN B 82 25.02 15.67 18.71
CA GLN B 82 23.97 14.92 18.04
C GLN B 82 23.09 14.20 19.07
N THR B 83 21.84 13.97 18.69
CA THR B 83 20.86 13.36 19.57
C THR B 83 20.28 12.11 18.91
N GLY B 84 20.15 11.06 19.70
CA GLY B 84 19.64 9.79 19.23
C GLY B 84 19.89 8.71 20.24
N ASN B 85 19.48 7.49 19.89
CA ASN B 85 19.74 6.34 20.75
C ASN B 85 21.24 6.10 20.90
N ILE B 86 21.97 6.07 19.80
CA ILE B 86 23.41 5.81 19.85
C ILE B 86 24.14 6.96 20.55
N ALA B 87 23.75 8.20 20.25
CA ALA B 87 24.46 9.34 20.80
C ALA B 87 24.19 9.52 22.29
N ASP B 88 23.07 9.01 22.78
CA ASP B 88 22.70 9.24 24.17
C ASP B 88 22.98 8.04 25.07
N TYR B 89 22.59 6.84 24.65
CA TYR B 89 22.66 5.68 25.51
C TYR B 89 23.85 4.77 25.24
N ASN B 90 24.49 4.87 24.07
CA ASN B 90 25.53 3.92 23.69
C ASN B 90 26.91 4.56 23.59
N TYR B 91 27.07 5.62 22.80
CA TYR B 91 28.39 6.20 22.58
C TYR B 91 28.24 7.69 22.34
N LYS B 92 28.82 8.49 23.23
CA LYS B 92 28.68 9.95 23.19
C LYS B 92 30.04 10.59 22.97
N LEU B 93 30.12 11.52 22.03
CA LEU B 93 31.29 12.33 21.71
C LEU B 93 31.17 13.72 22.31
N PRO B 94 32.28 14.31 22.76
CA PRO B 94 32.21 15.64 23.38
C PRO B 94 31.93 16.72 22.34
N ASP B 95 31.42 17.85 22.83
CA ASP B 95 31.09 18.96 21.94
C ASP B 95 32.34 19.55 21.30
N ASP B 96 33.47 19.53 22.02
CA ASP B 96 34.74 20.03 21.51
C ASP B 96 35.64 18.91 21.01
N PHE B 97 35.06 17.88 20.39
CA PHE B 97 35.84 16.73 19.95
C PHE B 97 36.85 17.14 18.88
N THR B 98 38.06 16.59 19.00
CA THR B 98 39.10 16.73 17.98
C THR B 98 39.55 15.33 17.59
N GLY B 99 39.57 15.06 16.29
CA GLY B 99 39.90 13.72 15.81
C GLY B 99 39.25 13.46 14.48
N CYS B 100 39.05 12.18 14.18
CA CYS B 100 38.49 11.76 12.91
C CYS B 100 37.54 10.58 13.11
N VAL B 101 36.58 10.45 12.21
CA VAL B 101 35.61 9.36 12.21
C VAL B 101 35.61 8.75 10.82
N ILE B 102 35.79 7.43 10.75
CA ILE B 102 35.88 6.68 9.50
C ILE B 102 34.84 5.57 9.55
N ALA B 103 33.90 5.58 8.61
CA ALA B 103 32.83 4.61 8.58
C ALA B 103 32.71 4.02 7.18
N TRP B 104 32.67 2.70 7.12
CA TRP B 104 32.57 2.01 5.84
C TRP B 104 31.58 0.85 5.92
N ASN B 105 30.94 0.57 4.79
CA ASN B 105 29.92 -0.48 4.74
C ASN B 105 30.54 -1.85 4.98
N SER B 106 29.77 -2.74 5.60
CA SER B 106 30.24 -4.07 5.95
C SER B 106 29.17 -5.12 5.70
N ASN B 107 28.36 -4.92 4.65
CA ASN B 107 27.28 -5.85 4.35
C ASN B 107 27.82 -7.24 3.99
N LYS B 108 28.91 -7.29 3.23
CA LYS B 108 29.40 -8.57 2.72
C LYS B 108 29.93 -9.47 3.82
N LEU B 109 30.22 -8.94 5.00
CA LEU B 109 30.80 -9.72 6.09
C LEU B 109 29.83 -9.96 7.24
N ASP B 110 29.16 -8.92 7.72
CA ASP B 110 28.38 -9.00 8.95
C ASP B 110 26.94 -9.44 8.73
N SER B 111 26.52 -9.68 7.50
CA SER B 111 25.15 -10.06 7.21
C SER B 111 25.03 -11.55 6.94
N LYS B 112 23.95 -12.14 7.45
CA LYS B 112 23.69 -13.55 7.28
C LYS B 112 22.25 -13.74 6.83
N VAL B 113 21.99 -14.80 6.08
CA VAL B 113 20.65 -15.06 5.56
C VAL B 113 19.66 -15.26 6.70
N SER B 114 20.05 -16.04 7.70
CA SER B 114 19.17 -16.30 8.83
C SER B 114 19.21 -15.23 9.90
N GLY B 115 20.04 -14.20 9.72
CA GLY B 115 20.10 -13.11 10.68
C GLY B 115 21.34 -13.13 11.55
N ASN B 116 21.96 -11.97 11.75
CA ASN B 116 23.14 -11.84 12.58
C ASN B 116 22.73 -11.17 13.89
N TYR B 117 22.51 -11.99 14.93
CA TYR B 117 22.06 -11.51 16.22
C TYR B 117 23.21 -11.22 17.19
N ASN B 118 24.45 -11.34 16.73
CA ASN B 118 25.58 -11.14 17.63
C ASN B 118 25.68 -9.70 18.11
N TYR B 119 25.42 -8.73 17.23
CA TYR B 119 25.59 -7.33 17.56
C TYR B 119 24.37 -6.82 18.32
N LEU B 120 24.61 -6.13 19.43
CA LEU B 120 23.58 -5.61 20.31
C LEU B 120 23.72 -4.11 20.45
N TYR B 121 22.69 -3.49 21.04
CA TYR B 121 22.70 -2.08 21.34
C TYR B 121 21.77 -1.82 22.52
N ARG B 122 21.95 -0.66 23.15
CA ARG B 122 21.17 -0.29 24.32
C ARG B 122 19.99 0.58 23.90
N LEU B 123 18.80 0.21 24.37
CA LEU B 123 17.56 0.88 23.99
C LEU B 123 16.96 1.73 25.10
N PHE B 124 17.17 1.34 26.36
CA PHE B 124 16.63 2.07 27.49
C PHE B 124 17.74 2.40 28.47
N ARG B 125 17.63 3.57 29.10
CA ARG B 125 18.59 3.98 30.12
C ARG B 125 17.95 5.07 30.97
N LYS B 126 18.46 5.21 32.20
CA LYS B 126 17.94 6.23 33.11
C LYS B 126 18.34 7.63 32.67
N SER B 127 19.58 7.82 32.22
CA SER B 127 20.07 9.14 31.85
C SER B 127 21.07 9.00 30.72
N ASN B 128 21.34 10.11 30.05
CA ASN B 128 22.26 10.12 28.92
C ASN B 128 23.68 9.82 29.38
N LEU B 129 24.54 9.53 28.41
CA LEU B 129 25.93 9.20 28.68
C LEU B 129 26.80 10.45 28.66
N LYS B 130 27.75 10.50 29.59
CA LYS B 130 28.78 11.52 29.53
C LYS B 130 29.72 11.23 28.35
N PRO B 131 30.40 12.25 27.84
CA PRO B 131 31.30 12.03 26.71
C PRO B 131 32.35 10.96 27.02
N PHE B 132 32.58 10.08 26.05
CA PHE B 132 33.55 8.99 26.14
C PHE B 132 33.31 8.11 27.36
N GLU B 133 32.04 7.83 27.66
CA GLU B 133 31.67 6.92 28.73
C GLU B 133 31.14 5.62 28.14
N ARG B 134 31.29 4.53 28.89
CA ARG B 134 30.82 3.22 28.48
C ARG B 134 29.97 2.61 29.58
N ASP B 135 28.91 1.91 29.20
CA ASP B 135 28.04 1.23 30.14
C ASP B 135 27.84 -0.20 29.65
N ILE B 136 28.04 -1.17 30.54
CA ILE B 136 27.95 -2.58 30.22
C ILE B 136 26.89 -3.28 31.07
N SER B 137 26.42 -2.60 32.12
CA SER B 137 25.45 -3.20 33.04
C SER B 137 24.21 -3.68 32.32
N THR B 138 23.74 -4.88 32.68
CA THR B 138 22.58 -5.50 32.06
C THR B 138 21.37 -5.51 32.98
N GLU B 139 21.38 -4.68 34.02
CA GLU B 139 20.23 -4.58 34.92
C GLU B 139 19.01 -4.09 34.16
N ILE B 140 17.87 -4.73 34.39
CA ILE B 140 16.69 -4.47 33.57
C ILE B 140 16.11 -3.10 33.93
N TYR B 141 15.67 -2.38 32.90
CA TYR B 141 15.18 -1.01 33.07
C TYR B 141 13.81 -1.02 33.72
N GLN B 142 13.56 -0.03 34.58
CA GLN B 142 12.28 0.11 35.27
C GLN B 142 11.56 1.32 34.71
N ALA B 143 10.41 1.08 34.08
CA ALA B 143 9.62 2.16 33.52
C ALA B 143 8.47 2.58 34.42
N GLY B 144 7.92 1.65 35.19
CA GLY B 144 6.82 1.93 36.09
C GLY B 144 7.29 2.32 37.48
N ASN B 145 6.36 2.22 38.44
CA ASN B 145 6.65 2.55 39.82
C ASN B 145 6.86 1.33 40.70
N LYS B 146 6.62 0.13 40.20
CA LYS B 146 6.83 -1.07 40.99
C LYS B 146 8.23 -1.64 40.74
N PRO B 147 8.82 -2.26 41.75
CA PRO B 147 10.15 -2.85 41.56
C PRO B 147 10.13 -3.97 40.53
N CYS B 148 11.20 -4.04 39.74
CA CYS B 148 11.31 -5.06 38.71
C CYS B 148 11.71 -6.42 39.26
N ASN B 149 12.53 -6.45 40.32
CA ASN B 149 12.98 -7.69 40.96
C ASN B 149 13.74 -8.58 39.99
N GLY B 150 14.42 -7.98 39.01
CA GLY B 150 15.27 -8.75 38.11
C GLY B 150 14.55 -9.70 37.19
N VAL B 151 13.24 -9.52 36.99
CA VAL B 151 12.46 -10.37 36.10
C VAL B 151 11.69 -9.50 35.13
N ALA B 152 11.75 -9.88 33.86
CA ALA B 152 11.04 -9.15 32.81
C ALA B 152 9.53 -9.29 32.99
N GLY B 153 8.82 -8.19 32.76
CA GLY B 153 7.38 -8.20 32.92
C GLY B 153 6.78 -6.89 32.48
N PHE B 154 5.69 -6.52 33.12
CA PHE B 154 5.00 -5.26 32.81
C PHE B 154 5.85 -4.09 33.28
N ASN B 155 6.14 -3.17 32.35
CA ASN B 155 6.95 -1.98 32.61
C ASN B 155 8.33 -2.33 33.14
N CYS B 156 8.83 -3.51 32.78
CA CYS B 156 10.17 -3.96 33.17
C CYS B 156 10.78 -4.65 31.95
N TYR B 157 11.65 -3.94 31.23
CA TYR B 157 12.16 -4.41 29.95
C TYR B 157 13.67 -4.62 30.03
N PHE B 158 14.15 -5.59 29.27
CA PHE B 158 15.58 -5.82 29.14
C PHE B 158 16.19 -4.69 28.31
N PRO B 159 17.21 -3.99 28.82
CA PRO B 159 17.67 -2.77 28.12
C PRO B 159 18.39 -3.03 26.80
N LEU B 160 18.79 -4.26 26.50
CA LEU B 160 19.61 -4.55 25.33
C LEU B 160 18.80 -5.25 24.26
N ARG B 161 18.96 -4.80 23.01
CA ARG B 161 18.29 -5.39 21.86
C ARG B 161 19.32 -5.71 20.79
N SER B 162 18.87 -6.37 19.72
CA SER B 162 19.76 -6.85 18.69
C SER B 162 19.38 -6.29 17.32
N TYR B 163 20.40 -6.02 16.51
CA TYR B 163 20.21 -5.53 15.15
C TYR B 163 19.61 -6.56 14.20
N SER B 164 20.08 -7.80 14.23
CA SER B 164 19.59 -8.86 13.35
C SER B 164 19.74 -8.49 11.88
N PHE B 165 21.00 -8.36 11.45
CA PHE B 165 21.33 -7.99 10.08
C PHE B 165 21.03 -9.10 9.09
N ARG B 166 20.65 -8.73 7.86
CA ARG B 166 20.40 -9.65 6.75
C ARG B 166 20.90 -9.04 5.45
N PRO B 167 21.21 -9.86 4.44
CA PRO B 167 21.76 -9.29 3.20
C PRO B 167 20.73 -8.60 2.33
N THR B 168 19.44 -8.83 2.54
CA THR B 168 18.40 -8.23 1.72
C THR B 168 17.88 -6.91 2.28
N TYR B 169 18.48 -6.41 3.36
CA TYR B 169 18.05 -5.15 3.94
C TYR B 169 18.40 -4.00 3.02
N GLY B 170 17.79 -2.84 3.30
CA GLY B 170 18.10 -1.65 2.55
C GLY B 170 19.46 -1.08 2.94
N VAL B 171 19.86 -0.03 2.22
CA VAL B 171 21.16 0.58 2.48
C VAL B 171 21.20 1.20 3.86
N GLY B 172 20.08 1.78 4.31
CA GLY B 172 20.03 2.39 5.62
C GLY B 172 19.96 1.41 6.76
N HIS B 173 19.69 0.13 6.47
CA HIS B 173 19.64 -0.90 7.48
C HIS B 173 20.81 -1.88 7.39
N GLN B 174 21.78 -1.61 6.53
CA GLN B 174 22.92 -2.50 6.38
C GLN B 174 24.01 -2.16 7.38
N PRO B 175 24.79 -3.15 7.82
CA PRO B 175 25.82 -2.88 8.83
C PRO B 175 26.91 -1.96 8.31
N TYR B 176 27.42 -1.11 9.20
CA TYR B 176 28.53 -0.20 8.92
C TYR B 176 29.52 -0.31 10.06
N ARG B 177 30.81 -0.43 9.72
CA ARG B 177 31.88 -0.47 10.70
C ARG B 177 32.45 0.93 10.88
N VAL B 178 32.58 1.34 12.14
CA VAL B 178 32.99 2.70 12.49
C VAL B 178 34.23 2.63 13.37
N VAL B 179 35.21 3.46 13.03
CA VAL B 179 36.44 3.64 13.79
C VAL B 179 36.64 5.12 14.05
N VAL B 180 36.82 5.49 15.31
CA VAL B 180 36.97 6.87 15.73
C VAL B 180 38.38 7.04 16.28
N LEU B 181 39.14 7.96 15.70
CA LEU B 181 40.49 8.26 16.16
C LEU B 181 40.46 9.56 16.95
N SER B 182 40.92 9.50 18.20
CA SER B 182 40.95 10.65 19.09
C SER B 182 42.40 10.99 19.42
N PHE B 183 42.75 12.26 19.28
CA PHE B 183 44.11 12.75 19.48
C PHE B 183 44.18 13.58 20.75
N GLU B 184 45.21 13.34 21.56
CA GLU B 184 45.47 14.18 22.73
C GLU B 184 46.80 14.91 22.61
N LEU B 185 46.83 16.12 23.14
CA LEU B 185 48.07 16.87 23.38
C LEU B 185 48.12 17.16 24.88
N LEU B 186 49.17 16.66 25.54
CA LEU B 186 49.32 16.79 26.98
C LEU B 186 50.65 17.45 27.30
N HIS B 187 50.93 17.57 28.60
CA HIS B 187 52.22 18.05 29.06
C HIS B 187 53.18 16.87 29.16
N ALA B 188 53.68 16.43 28.01
CA ALA B 188 54.48 15.21 27.90
C ALA B 188 55.37 15.33 26.67
N PRO B 189 56.35 14.45 26.48
CA PRO B 189 57.21 14.57 25.29
C PRO B 189 56.47 14.48 23.96
N ALA B 190 55.30 13.84 23.92
CA ALA B 190 54.43 13.81 22.75
C ALA B 190 55.15 13.20 21.54
N THR B 191 55.40 11.90 21.65
CA THR B 191 56.25 11.19 20.70
C THR B 191 55.48 10.35 19.69
N VAL B 192 54.29 10.78 19.25
CA VAL B 192 53.54 10.07 18.22
C VAL B 192 53.16 11.06 17.13
N CYS B 193 54.06 11.29 16.17
CA CYS B 193 53.69 11.86 14.88
C CYS B 193 54.15 11.02 13.71
N GLY B 194 55.44 10.72 13.61
CA GLY B 194 55.96 9.98 12.47
C GLY B 194 56.04 10.83 11.22
N PRO B 195 57.13 10.66 10.46
CA PRO B 195 57.26 11.36 9.17
C PRO B 195 56.23 10.87 8.15
C1 NAG C . 10.57 16.27 -20.27
C2 NAG C . 10.03 16.22 -21.69
C3 NAG C . 10.95 15.40 -22.58
C4 NAG C . 12.38 15.94 -22.51
C5 NAG C . 12.83 15.99 -21.06
C6 NAG C . 14.20 16.62 -20.89
C7 NAG C . 7.58 16.44 -21.64
C8 NAG C . 6.27 15.71 -21.68
N2 NAG C . 8.68 15.68 -21.72
O3 NAG C . 10.48 15.46 -23.94
O4 NAG C . 13.25 15.09 -23.25
O5 NAG C . 11.91 16.77 -20.29
O6 NAG C . 14.09 18.03 -20.72
O7 NAG C . 7.65 17.66 -21.53
C1 NAG C . 13.77 15.83 -24.37
C2 NAG C . 14.62 14.88 -25.22
C3 NAG C . 15.14 15.57 -26.49
C4 NAG C . 13.99 16.23 -27.24
C5 NAG C . 13.21 17.15 -26.30
C6 NAG C . 12.00 17.77 -26.96
C7 NAG C . 16.75 14.76 -23.85
C8 NAG C . 16.91 16.26 -23.90
N2 NAG C . 15.69 14.21 -24.49
O3 NAG C . 15.78 14.62 -27.33
O4 NAG C . 14.50 17.00 -28.32
O5 NAG C . 12.73 16.40 -25.18
O6 NAG C . 12.06 17.67 -28.37
O7 NAG C . 17.57 14.05 -23.27
ZN ZN D . -2.87 -1.07 -7.61
C1 NAG E . -14.79 17.68 -34.63
C2 NAG E . -16.29 17.42 -34.52
C3 NAG E . -16.99 17.81 -35.82
C4 NAG E . -16.64 19.24 -36.21
C5 NAG E . -15.13 19.42 -36.25
C6 NAG E . -14.72 20.86 -36.52
C7 NAG E . -17.28 15.69 -33.10
C8 NAG E . -17.47 14.22 -32.90
N2 NAG E . -16.57 16.04 -34.18
O3 NAG E . -18.40 17.66 -35.67
O4 NAG E . -17.19 19.54 -37.49
O5 NAG E . -14.56 19.04 -34.99
O6 NAG E . -15.62 21.77 -35.90
O7 NAG E . -17.76 16.51 -32.34
C1 NAG F . 12.27 -22.76 -6.18
C2 NAG F . 13.75 -22.39 -6.23
C3 NAG F . 14.57 -23.60 -6.66
C4 NAG F . 14.28 -24.80 -5.78
C5 NAG F . 12.78 -25.07 -5.74
C6 NAG F . 12.40 -26.17 -4.78
C7 NAG F . 14.59 -20.14 -6.72
C8 NAG F . 14.74 -19.07 -7.76
N2 NAG F . 13.98 -21.26 -7.10
O3 NAG F . 15.96 -23.27 -6.59
O4 NAG F . 14.95 -25.95 -6.28
O5 NAG F . 12.08 -23.89 -5.32
O6 NAG F . 12.07 -25.65 -3.50
O7 NAG F . 15.00 -19.99 -5.56
C1 NAG G . 4.64 13.65 20.45
C2 NAG G . 5.34 15.00 20.62
C3 NAG G . 6.54 15.09 19.69
C4 NAG G . 7.47 13.89 19.91
C5 NAG G . 6.68 12.59 19.75
C6 NAG G . 7.51 11.37 20.08
C7 NAG G . 4.02 16.95 21.33
C8 NAG G . 3.08 18.03 20.88
N2 NAG G . 4.43 16.10 20.37
O3 NAG G . 7.26 16.30 19.94
O4 NAG G . 8.52 13.91 18.94
O5 NAG G . 5.57 12.59 20.67
O6 NAG G . 6.86 10.17 19.67
O7 NAG G . 4.40 16.85 22.49
C1 NAG H . 18.76 9.24 -9.74
C2 NAG H . 19.33 9.02 -11.15
C3 NAG H . 20.18 10.22 -11.56
C4 NAG H . 19.39 11.51 -11.41
C5 NAG H . 18.82 11.62 -10.00
C6 NAG H . 17.93 12.82 -9.81
C7 NAG H . 20.30 7.10 -12.34
C8 NAG H . 21.13 5.86 -12.22
N2 NAG H . 20.11 7.79 -11.21
O3 NAG H . 20.60 10.06 -12.92
O4 NAG H . 20.23 12.63 -11.66
O5 NAG H . 18.02 10.46 -9.71
O6 NAG H . 17.23 12.76 -8.57
O7 NAG H . 19.83 7.47 -13.41
C1 NAG I . -11.84 -5.42 24.32
C2 NAG I . -12.42 -5.48 25.74
C3 NAG I . -13.05 -4.14 26.10
C4 NAG I . -12.05 -3.00 25.90
C5 NAG I . -11.48 -3.06 24.48
C6 NAG I . -10.39 -2.03 24.24
C7 NAG I . -13.11 -7.72 26.45
C8 NAG I . -14.22 -8.73 26.49
N2 NAG I . -13.39 -6.56 25.86
O3 NAG I . -13.47 -4.17 27.47
O4 NAG I . -12.69 -1.76 26.09
O5 NAG I . -10.89 -4.35 24.24
O6 NAG I . -9.29 -2.23 25.10
O7 NAG I . -11.99 -7.96 26.92
C1 NAG J . 44.05 -4.11 5.34
C2 NAG J . 44.94 -2.86 5.33
C3 NAG J . 45.18 -2.40 3.90
C4 NAG J . 45.71 -3.54 3.03
C5 NAG J . 44.77 -4.74 3.13
C6 NAG J . 45.29 -5.95 2.39
C7 NAG J . 45.11 -0.86 6.73
C8 NAG J . 44.35 0.17 7.51
N2 NAG J . 44.37 -1.80 6.13
O3 NAG J . 46.11 -1.32 3.89
O4 NAG J . 45.79 -3.12 1.68
O5 NAG J . 44.62 -5.12 4.50
O6 NAG J . 44.87 -7.16 3.02
O7 NAG J . 46.34 -0.83 6.63
#